data_7Z5B
#
_entry.id   7Z5B
#
_cell.length_a   80.454
_cell.length_b   80.632
_cell.length_c   165.925
_cell.angle_alpha   90.00
_cell.angle_beta   90.00
_cell.angle_gamma   90.00
#
_symmetry.space_group_name_H-M   'P 21 21 21'
#
loop_
_entity.id
_entity.type
_entity.pdbx_description
1 polymer 'N-glycosylase/DNA lyase'
2 non-polymer 2-[4-(2,4-dimethyl-1~{H}-imidazol-5-yl)phenyl]-~{N}-(4,5,6,7-tetrahydro-1,2-benzoxazol-3-yl)ethanamide
3 non-polymer 'NICKEL (II) ION'
4 water water
#
_entity_poly.entity_id   1
_entity_poly.type   'polypeptide(L)'
_entity_poly.pdbx_seq_one_letter_code
;GSHMRHRTLSSSPALWASIPCPRSELRLDLVLASGQSFRWKEQSPAHWSGVLADQVWTLTQTEDQLYCTVYRGDDSQVSR
PTLEELETLHKYFQLDVSLAQLYSHWASVDSHFQRVAQKFQGVRLLRQDPTECLFSFICSSNNNIARITGMVERLCQAFG
PRLIQLDDVTYHGFPNLHALAGPEAETHLRKLGLGYRARYVRASAKAILEEQGGPAWLQQLRVAPYEEAHKALCTLPGVG
AKVADCICLMALDKPQAVPVDVHVWQIAHRDYGWHPKTSQAKGPSPLANKELGNFFRNLWGPYAGWAQAVLFSADLRQ
;
_entity_poly.pdbx_strand_id   A,B,C
#
loop_
_chem_comp.id
_chem_comp.type
_chem_comp.name
_chem_comp.formula
IFT non-polymer 2-[4-(2,4-dimethyl-1~{H}-imidazol-5-yl)phenyl]-~{N}-(4,5,6,7-tetrahydro-1,2-benzoxazol-3-yl)ethanamide 'C20 H22 N4 O2'
NI non-polymer 'NICKEL (II) ION' 'Ni 2'
#
# COMPACT_ATOMS: atom_id res chain seq x y z
N HIS A 3 -46.85 -2.01 -7.30
CA HIS A 3 -47.62 -3.29 -7.34
C HIS A 3 -46.89 -4.41 -6.60
N MET A 4 -45.68 -4.73 -7.06
CA MET A 4 -44.80 -5.72 -6.40
C MET A 4 -43.71 -4.98 -5.62
N ARG A 5 -42.94 -5.73 -4.82
CA ARG A 5 -41.89 -5.14 -3.97
C ARG A 5 -40.76 -6.11 -3.66
N HIS A 6 -39.54 -5.57 -3.51
CA HIS A 6 -38.35 -6.33 -3.11
C HIS A 6 -38.53 -6.99 -1.73
N ARG A 7 -38.22 -8.28 -1.66
CA ARG A 7 -38.40 -9.08 -0.44
C ARG A 7 -37.19 -9.00 0.47
N THR A 8 -37.43 -9.26 1.75
CA THR A 8 -36.37 -9.51 2.75
C THR A 8 -36.75 -10.77 3.53
N LEU A 9 -35.85 -11.22 4.40
CA LEU A 9 -36.02 -12.49 5.12
C LEU A 9 -37.05 -12.38 6.26
N SER A 10 -37.14 -11.19 6.87
CA SER A 10 -38.13 -10.92 7.92
C SER A 10 -39.50 -10.52 7.37
N SER A 11 -39.53 -9.80 6.24
CA SER A 11 -40.79 -9.33 5.62
C SER A 11 -41.73 -10.46 5.19
N SER A 12 -41.17 -11.57 4.72
CA SER A 12 -41.95 -12.72 4.27
C SER A 12 -41.07 -13.97 4.16
N PRO A 13 -40.80 -14.63 5.31
CA PRO A 13 -39.93 -15.82 5.32
C PRO A 13 -40.50 -17.07 4.63
N ALA A 14 -41.81 -17.08 4.35
CA ALA A 14 -42.45 -18.17 3.60
C ALA A 14 -41.98 -18.32 2.15
N LEU A 15 -41.46 -17.23 1.55
CA LEU A 15 -41.03 -17.23 0.15
C LEU A 15 -39.54 -17.59 -0.06
N TRP A 16 -38.79 -17.85 1.01
CA TRP A 16 -37.35 -18.14 0.94
C TRP A 16 -37.04 -19.63 1.04
N ALA A 17 -35.91 -20.03 0.45
CA ALA A 17 -35.36 -21.38 0.58
C ALA A 17 -33.87 -21.29 0.86
N SER A 18 -33.36 -22.22 1.65
CA SER A 18 -31.98 -22.21 2.12
C SER A 18 -31.11 -23.25 1.41
N ILE A 19 -29.84 -22.88 1.21
CA ILE A 19 -28.80 -23.80 0.75
C ILE A 19 -27.72 -23.80 1.84
N PRO A 20 -27.26 -25.00 2.26
CA PRO A 20 -26.16 -25.02 3.25
C PRO A 20 -24.85 -24.57 2.60
N CYS A 21 -24.30 -23.46 3.09
CA CYS A 21 -23.08 -22.87 2.53
C CYS A 21 -22.33 -22.09 3.61
N PRO A 22 -21.12 -22.55 3.99
CA PRO A 22 -20.29 -21.78 4.94
C PRO A 22 -19.87 -20.41 4.41
N ARG A 23 -19.62 -19.48 5.32
CA ARG A 23 -19.17 -18.13 4.96
C ARG A 23 -17.76 -18.13 4.35
N SER A 24 -16.94 -19.10 4.74
CA SER A 24 -15.62 -19.32 4.15
C SER A 24 -15.67 -19.72 2.67
N GLU A 25 -16.78 -20.34 2.25
CA GLU A 25 -17.01 -20.71 0.84
C GLU A 25 -17.64 -19.59 0.01
N LEU A 26 -18.53 -18.79 0.60
CA LEU A 26 -19.20 -17.69 -0.12
C LEU A 26 -19.49 -16.47 0.74
N ARG A 27 -18.99 -15.31 0.30
CA ARG A 27 -19.36 -14.00 0.84
C ARG A 27 -19.91 -13.13 -0.29
N LEU A 28 -21.25 -13.03 -0.34
CA LEU A 28 -21.98 -12.27 -1.36
C LEU A 28 -21.47 -10.84 -1.58
N ASP A 29 -21.21 -10.13 -0.48
CA ASP A 29 -20.70 -8.74 -0.55
C ASP A 29 -19.31 -8.59 -1.20
N LEU A 30 -18.48 -9.63 -1.10
CA LEU A 30 -17.15 -9.64 -1.75
C LEU A 30 -17.14 -10.24 -3.17
N VAL A 31 -18.29 -10.71 -3.65
CA VAL A 31 -18.39 -11.45 -4.92
C VAL A 31 -19.25 -10.71 -5.95
N LEU A 32 -20.49 -10.41 -5.58
CA LEU A 32 -21.50 -9.92 -6.54
C LEU A 32 -21.26 -8.51 -7.08
N ALA A 33 -20.44 -7.71 -6.39
CA ALA A 33 -20.06 -6.37 -6.85
C ALA A 33 -18.54 -6.19 -6.94
N SER A 34 -17.83 -7.29 -7.24
CA SER A 34 -16.36 -7.27 -7.35
C SER A 34 -15.88 -7.31 -8.82
N GLY A 35 -16.73 -6.91 -9.75
CA GLY A 35 -16.36 -6.81 -11.17
C GLY A 35 -16.37 -8.11 -11.95
N GLN A 36 -17.19 -9.07 -11.54
CA GLN A 36 -17.45 -10.28 -12.32
C GLN A 36 -18.79 -10.13 -13.02
N SER A 37 -19.84 -9.94 -12.23
CA SER A 37 -21.18 -9.63 -12.70
C SER A 37 -21.48 -8.18 -12.35
N PHE A 38 -22.21 -7.51 -13.23
CA PHE A 38 -22.59 -6.10 -13.02
C PHE A 38 -24.11 -5.95 -12.93
N ARG A 39 -24.80 -7.02 -12.52
CA ARG A 39 -26.25 -7.06 -12.50
C ARG A 39 -26.82 -7.25 -11.09
N TRP A 40 -25.97 -7.15 -10.07
CA TRP A 40 -26.38 -7.33 -8.67
C TRP A 40 -26.23 -6.02 -7.91
N LYS A 41 -27.29 -5.60 -7.22
CA LYS A 41 -27.28 -4.41 -6.40
C LYS A 41 -27.89 -4.71 -5.03
N GLU A 42 -27.32 -4.09 -3.99
CA GLU A 42 -27.79 -4.24 -2.63
C GLU A 42 -28.98 -3.29 -2.39
N GLN A 43 -30.15 -3.70 -2.89
CA GLN A 43 -31.36 -2.87 -2.84
C GLN A 43 -31.86 -2.68 -1.41
N SER A 44 -31.72 -3.72 -0.59
CA SER A 44 -31.90 -3.65 0.86
C SER A 44 -30.58 -4.10 1.50
N PRO A 45 -30.26 -3.65 2.74
CA PRO A 45 -29.00 -4.06 3.38
C PRO A 45 -28.86 -5.57 3.61
N ALA A 46 -27.68 -6.10 3.27
CA ALA A 46 -27.38 -7.55 3.31
C ALA A 46 -28.28 -8.40 2.38
N HIS A 47 -28.85 -7.77 1.35
CA HIS A 47 -29.81 -8.42 0.44
C HIS A 47 -29.50 -7.99 -1.00
N TRP A 48 -28.98 -8.92 -1.79
CA TRP A 48 -28.50 -8.63 -3.13
C TRP A 48 -29.49 -9.10 -4.18
N SER A 49 -30.15 -8.14 -4.83
CA SER A 49 -31.12 -8.42 -5.89
C SER A 49 -30.48 -8.30 -7.28
N GLY A 50 -30.87 -9.18 -8.18
CA GLY A 50 -30.33 -9.19 -9.54
C GLY A 50 -30.99 -10.25 -10.41
N VAL A 51 -30.69 -10.21 -11.70
CA VAL A 51 -31.35 -11.08 -12.69
C VAL A 51 -30.38 -12.20 -13.11
N LEU A 52 -30.93 -13.39 -13.30
CA LEU A 52 -30.17 -14.60 -13.63
C LEU A 52 -30.97 -15.48 -14.59
N ALA A 53 -30.68 -15.35 -15.89
CA ALA A 53 -31.30 -16.14 -16.95
C ALA A 53 -32.83 -16.05 -16.97
N ASP A 54 -33.34 -14.86 -17.30
CA ASP A 54 -34.78 -14.59 -17.40
C ASP A 54 -35.55 -14.77 -16.07
N GLN A 55 -34.89 -14.51 -14.96
CA GLN A 55 -35.48 -14.60 -13.62
C GLN A 55 -34.76 -13.65 -12.66
N VAL A 56 -35.52 -13.03 -11.75
CA VAL A 56 -34.94 -12.17 -10.72
C VAL A 56 -34.81 -12.96 -9.41
N TRP A 57 -33.69 -12.75 -8.72
CA TRP A 57 -33.44 -13.33 -7.40
C TRP A 57 -33.12 -12.23 -6.40
N THR A 58 -33.34 -12.53 -5.11
CA THR A 58 -32.76 -11.75 -4.01
C THR A 58 -32.03 -12.74 -3.09
N LEU A 59 -30.79 -12.42 -2.74
CA LEU A 59 -29.93 -13.32 -1.97
C LEU A 59 -29.48 -12.66 -0.67
N THR A 60 -29.52 -13.42 0.42
CA THR A 60 -28.93 -13.02 1.70
C THR A 60 -28.32 -14.25 2.37
N GLN A 61 -27.68 -14.07 3.54
CA GLN A 61 -26.98 -15.17 4.19
C GLN A 61 -26.74 -14.96 5.69
N THR A 62 -26.48 -16.09 6.36
CA THR A 62 -26.02 -16.14 7.75
C THR A 62 -24.60 -16.71 7.72
N GLU A 63 -24.11 -17.24 8.84
CA GLU A 63 -22.77 -17.86 8.89
C GLU A 63 -22.64 -19.14 8.06
N ASP A 64 -23.70 -19.95 8.01
CA ASP A 64 -23.66 -21.24 7.29
C ASP A 64 -24.93 -21.58 6.48
N GLN A 65 -25.67 -20.55 6.04
CA GLN A 65 -26.85 -20.73 5.19
C GLN A 65 -26.92 -19.64 4.12
N LEU A 66 -27.24 -20.03 2.89
CA LEU A 66 -27.45 -19.11 1.77
C LEU A 66 -28.94 -19.07 1.44
N TYR A 67 -29.65 -18.07 1.98
CA TYR A 67 -31.07 -17.91 1.72
C TYR A 67 -31.29 -17.24 0.37
N CYS A 68 -32.32 -17.71 -0.36
CA CYS A 68 -32.64 -17.18 -1.69
C CYS A 68 -34.14 -17.26 -2.00
N THR A 69 -34.62 -16.30 -2.79
CA THR A 69 -36.03 -16.21 -3.19
C THR A 69 -36.12 -15.75 -4.65
N VAL A 70 -37.10 -16.27 -5.38
CA VAL A 70 -37.26 -16.01 -6.82
C VAL A 70 -38.52 -15.21 -7.12
N TYR A 71 -38.42 -14.26 -8.04
CA TYR A 71 -39.56 -13.55 -8.60
C TYR A 71 -39.73 -14.07 -10.02
N ARG A 72 -40.64 -15.02 -10.21
CA ARG A 72 -40.86 -15.64 -11.51
C ARG A 72 -41.55 -14.71 -12.53
N GLY A 73 -42.26 -13.70 -12.03
CA GLY A 73 -42.98 -12.76 -12.91
C GLY A 73 -44.18 -13.45 -13.55
N ASP A 74 -44.61 -12.90 -14.69
CA ASP A 74 -45.71 -13.46 -15.49
C ASP A 74 -47.03 -13.68 -14.69
N ASP A 75 -47.25 -12.88 -13.65
CA ASP A 75 -48.39 -13.04 -12.73
C ASP A 75 -48.57 -14.46 -12.17
N SER A 76 -47.45 -15.14 -11.91
CA SER A 76 -47.49 -16.53 -11.43
C SER A 76 -47.75 -16.62 -9.93
N GLN A 77 -47.98 -17.83 -9.44
CA GLN A 77 -48.20 -18.08 -8.02
C GLN A 77 -46.90 -17.92 -7.24
N VAL A 78 -46.85 -16.95 -6.33
CA VAL A 78 -45.68 -16.72 -5.47
C VAL A 78 -45.40 -17.90 -4.54
N SER A 79 -44.16 -18.40 -4.58
CA SER A 79 -43.76 -19.60 -3.83
C SER A 79 -42.24 -19.67 -3.65
N ARG A 80 -41.79 -20.69 -2.91
CA ARG A 80 -40.35 -20.93 -2.68
C ARG A 80 -39.66 -21.38 -3.97
N PRO A 81 -38.33 -21.23 -4.05
CA PRO A 81 -37.56 -21.79 -5.17
C PRO A 81 -37.70 -23.31 -5.30
N THR A 82 -37.76 -23.80 -6.54
CA THR A 82 -37.79 -25.24 -6.81
C THR A 82 -36.36 -25.81 -6.72
N LEU A 83 -36.26 -27.14 -6.71
CA LEU A 83 -34.95 -27.82 -6.67
C LEU A 83 -34.13 -27.51 -7.93
N GLU A 84 -34.79 -27.56 -9.10
CA GLU A 84 -34.17 -27.19 -10.38
C GLU A 84 -33.66 -25.74 -10.36
N GLU A 85 -34.42 -24.84 -9.75
CA GLU A 85 -34.02 -23.44 -9.61
C GLU A 85 -32.84 -23.25 -8.64
N LEU A 86 -32.84 -23.97 -7.52
CA LEU A 86 -31.70 -23.96 -6.58
C LEU A 86 -30.45 -24.65 -7.14
N GLU A 87 -30.65 -25.60 -8.06
CA GLU A 87 -29.53 -26.21 -8.81
C GLU A 87 -28.86 -25.22 -9.76
N THR A 88 -29.66 -24.35 -10.38
CA THR A 88 -29.15 -23.23 -11.19
C THR A 88 -28.26 -22.30 -10.37
N LEU A 89 -28.70 -22.01 -9.14
CA LEU A 89 -27.96 -21.14 -8.22
C LEU A 89 -26.71 -21.83 -7.67
N HIS A 90 -26.84 -23.13 -7.37
CA HIS A 90 -25.70 -23.96 -6.92
C HIS A 90 -24.59 -24.01 -7.97
N LYS A 91 -24.99 -24.11 -9.25
CA LYS A 91 -24.05 -24.13 -10.37
C LYS A 91 -23.50 -22.73 -10.71
N TYR A 92 -24.32 -21.69 -10.49
CA TYR A 92 -23.90 -20.30 -10.68
C TYR A 92 -22.71 -19.92 -9.79
N PHE A 93 -22.78 -20.31 -8.52
CA PHE A 93 -21.68 -20.06 -7.57
C PHE A 93 -20.56 -21.12 -7.62
N GLN A 94 -20.82 -22.28 -8.24
CA GLN A 94 -19.85 -23.39 -8.37
C GLN A 94 -19.46 -23.96 -7.00
N LEU A 95 -20.49 -24.36 -6.25
CA LEU A 95 -20.32 -24.84 -4.88
C LEU A 95 -19.82 -26.30 -4.78
N ASP A 96 -19.92 -27.06 -5.87
CA ASP A 96 -19.28 -28.38 -5.95
C ASP A 96 -17.76 -28.31 -5.76
N VAL A 97 -17.15 -27.23 -6.25
CA VAL A 97 -15.73 -26.98 -6.05
C VAL A 97 -15.52 -26.38 -4.65
N SER A 98 -14.56 -26.95 -3.91
CA SER A 98 -14.22 -26.49 -2.55
C SER A 98 -13.26 -25.30 -2.61
N LEU A 99 -13.74 -24.13 -2.21
CA LEU A 99 -12.92 -22.91 -2.15
C LEU A 99 -11.88 -22.97 -1.02
N ALA A 100 -12.21 -23.67 0.07
CA ALA A 100 -11.30 -23.80 1.22
C ALA A 100 -10.01 -24.55 0.86
N GLN A 101 -10.14 -25.65 0.13
CA GLN A 101 -8.98 -26.42 -0.35
C GLN A 101 -8.13 -25.63 -1.36
N LEU A 102 -8.79 -24.80 -2.18
CA LEU A 102 -8.09 -23.88 -3.07
C LEU A 102 -7.36 -22.77 -2.30
N TYR A 103 -8.05 -22.19 -1.30
CA TYR A 103 -7.45 -21.17 -0.41
C TYR A 103 -6.24 -21.64 0.39
N SER A 104 -6.10 -22.95 0.61
CA SER A 104 -4.93 -23.53 1.27
C SER A 104 -3.83 -23.94 0.28
N HIS A 105 -4.21 -24.42 -0.90
CA HIS A 105 -3.24 -24.74 -1.96
C HIS A 105 -2.54 -23.47 -2.48
N TRP A 106 -3.33 -22.41 -2.68
CA TRP A 106 -2.78 -21.07 -2.78
C TRP A 106 -2.46 -20.69 -1.33
N ALA A 107 -1.38 -19.93 -1.12
CA ALA A 107 -0.85 -19.57 0.21
C ALA A 107 0.28 -20.49 0.69
N SER A 108 0.31 -21.73 0.20
CA SER A 108 1.46 -22.62 0.40
C SER A 108 2.71 -22.06 -0.29
N VAL A 109 2.52 -21.43 -1.45
CA VAL A 109 3.61 -20.81 -2.22
C VAL A 109 3.37 -19.30 -2.45
N ASP A 110 2.62 -18.68 -1.53
CA ASP A 110 2.15 -17.29 -1.71
C ASP A 110 1.96 -16.60 -0.36
N SER A 111 3.01 -15.94 0.12
CA SER A 111 2.97 -15.21 1.39
C SER A 111 2.01 -14.00 1.37
N HIS A 112 1.80 -13.41 0.19
CA HIS A 112 0.86 -12.30 0.03
C HIS A 112 -0.59 -12.76 0.15
N PHE A 113 -0.95 -13.81 -0.59
CA PHE A 113 -2.29 -14.39 -0.54
C PHE A 113 -2.65 -14.92 0.86
N GLN A 114 -1.65 -15.41 1.59
CA GLN A 114 -1.82 -15.84 2.99
C GLN A 114 -2.37 -14.71 3.87
N ARG A 115 -1.81 -13.51 3.72
CA ARG A 115 -2.30 -12.32 4.44
C ARG A 115 -3.68 -11.87 3.97
N VAL A 116 -3.89 -11.90 2.66
CA VAL A 116 -5.15 -11.43 2.04
C VAL A 116 -6.32 -12.39 2.32
N ALA A 117 -6.04 -13.70 2.28
CA ALA A 117 -7.06 -14.73 2.52
C ALA A 117 -7.72 -14.69 3.91
N GLN A 118 -7.02 -14.13 4.89
CA GLN A 118 -7.57 -13.95 6.24
C GLN A 118 -8.81 -13.06 6.24
N LYS A 119 -8.67 -11.87 5.67
CA LYS A 119 -9.74 -10.86 5.67
C LYS A 119 -10.82 -11.16 4.63
N PHE A 120 -10.38 -11.42 3.40
CA PHE A 120 -11.28 -11.61 2.25
C PHE A 120 -11.46 -13.08 1.91
N GLN A 121 -12.26 -13.76 2.74
CA GLN A 121 -12.54 -15.19 2.57
C GLN A 121 -13.95 -15.40 2.02
N GLY A 122 -14.09 -16.36 1.11
CA GLY A 122 -15.36 -16.63 0.43
C GLY A 122 -15.56 -15.87 -0.88
N VAL A 123 -14.47 -15.48 -1.52
CA VAL A 123 -14.52 -14.83 -2.83
C VAL A 123 -14.39 -15.91 -3.90
N ARG A 124 -15.53 -16.40 -4.37
CA ARG A 124 -15.58 -17.45 -5.39
C ARG A 124 -15.92 -16.90 -6.78
N LEU A 125 -15.60 -17.68 -7.80
CA LEU A 125 -15.74 -17.29 -9.20
C LEU A 125 -17.10 -17.76 -9.71
N LEU A 126 -17.87 -16.83 -10.27
CA LEU A 126 -19.23 -17.13 -10.76
C LEU A 126 -19.19 -17.79 -12.15
N ARG A 127 -20.14 -18.68 -12.40
CA ARG A 127 -20.30 -19.32 -13.71
C ARG A 127 -21.40 -18.59 -14.47
N GLN A 128 -21.00 -17.65 -15.33
CA GLN A 128 -21.92 -16.75 -16.01
C GLN A 128 -22.34 -17.25 -17.39
N ASP A 129 -23.42 -16.68 -17.91
CA ASP A 129 -23.85 -16.89 -19.29
C ASP A 129 -22.78 -16.31 -20.23
N PRO A 130 -22.35 -17.08 -21.27
CA PRO A 130 -21.36 -16.59 -22.24
C PRO A 130 -21.73 -15.29 -22.96
N THR A 131 -22.99 -15.16 -23.37
CA THR A 131 -23.46 -13.96 -24.09
C THR A 131 -23.38 -12.74 -23.18
N GLU A 132 -23.98 -12.84 -21.99
CA GLU A 132 -23.94 -11.79 -20.98
C GLU A 132 -22.51 -11.38 -20.62
N CYS A 133 -21.66 -12.39 -20.40
CA CYS A 133 -20.26 -12.18 -20.05
C CYS A 133 -19.46 -11.49 -21.17
N LEU A 134 -19.68 -11.91 -22.41
CA LEU A 134 -18.96 -11.36 -23.57
C LEU A 134 -19.16 -9.87 -23.75
N PHE A 135 -20.42 -9.45 -23.87
CA PHE A 135 -20.74 -8.04 -24.12
C PHE A 135 -20.58 -7.14 -22.90
N SER A 136 -20.68 -7.71 -21.70
CA SER A 136 -20.38 -6.98 -20.46
C SER A 136 -18.91 -6.58 -20.38
N PHE A 137 -18.00 -7.46 -20.83
CA PHE A 137 -16.56 -7.19 -20.79
C PHE A 137 -16.02 -6.49 -22.03
N ILE A 138 -16.83 -6.39 -23.09
CA ILE A 138 -16.60 -5.40 -24.16
C ILE A 138 -16.90 -3.99 -23.61
N CYS A 139 -17.92 -3.88 -22.75
CA CYS A 139 -18.22 -2.62 -22.06
C CYS A 139 -17.20 -2.22 -20.98
N SER A 140 -16.39 -3.17 -20.52
CA SER A 140 -15.38 -2.93 -19.46
C SER A 140 -14.10 -2.23 -19.89
N SER A 141 -13.86 -2.11 -21.20
CA SER A 141 -12.61 -1.50 -21.71
C SER A 141 -12.45 -0.05 -21.25
N ASN A 142 -11.34 0.22 -20.56
CA ASN A 142 -11.00 1.55 -20.03
C ASN A 142 -12.15 2.15 -19.21
N ASN A 143 -12.56 1.41 -18.19
CA ASN A 143 -13.77 1.73 -17.43
C ASN A 143 -13.68 1.24 -15.98
N ASN A 144 -14.66 1.64 -15.17
CA ASN A 144 -14.78 1.17 -13.78
C ASN A 144 -16.12 0.47 -13.55
N ILE A 145 -16.23 -0.20 -12.40
CA ILE A 145 -17.42 -1.01 -12.08
C ILE A 145 -18.71 -0.16 -12.06
N ALA A 146 -18.61 1.08 -11.60
CA ALA A 146 -19.76 1.99 -11.55
C ALA A 146 -20.30 2.32 -12.94
N ARG A 147 -19.40 2.69 -13.85
CA ARG A 147 -19.76 3.03 -15.23
C ARG A 147 -20.22 1.82 -16.05
N ILE A 148 -19.59 0.67 -15.83
CA ILE A 148 -19.93 -0.57 -16.54
C ILE A 148 -21.36 -1.02 -16.19
N THR A 149 -21.67 -1.00 -14.89
CA THR A 149 -23.01 -1.34 -14.38
C THR A 149 -24.11 -0.49 -15.03
N GLY A 150 -23.80 0.79 -15.27
CA GLY A 150 -24.71 1.69 -15.98
C GLY A 150 -24.89 1.33 -17.45
N MET A 151 -23.77 1.09 -18.13
CA MET A 151 -23.80 0.69 -19.55
C MET A 151 -24.57 -0.63 -19.78
N VAL A 152 -24.34 -1.61 -18.92
CA VAL A 152 -24.99 -2.92 -19.03
C VAL A 152 -26.49 -2.85 -18.71
N GLU A 153 -26.85 -2.05 -17.69
CA GLU A 153 -28.27 -1.88 -17.32
C GLU A 153 -29.07 -1.19 -18.43
N ARG A 154 -28.55 -0.08 -18.94
CA ARG A 154 -29.17 0.66 -20.05
C ARG A 154 -29.26 -0.17 -21.33
N LEU A 155 -28.25 -1.00 -21.57
CA LEU A 155 -28.25 -1.94 -22.69
C LEU A 155 -29.37 -2.98 -22.55
N CYS A 156 -29.53 -3.52 -21.34
CA CYS A 156 -30.58 -4.51 -21.06
C CYS A 156 -31.99 -3.92 -21.11
N GLN A 157 -32.16 -2.66 -20.69
CA GLN A 157 -33.46 -1.98 -20.75
C GLN A 157 -33.93 -1.78 -22.20
N ALA A 158 -33.01 -1.34 -23.06
CA ALA A 158 -33.34 -1.03 -24.46
C ALA A 158 -33.58 -2.29 -25.29
N PHE A 159 -32.62 -3.23 -25.25
CA PHE A 159 -32.61 -4.41 -26.13
C PHE A 159 -33.14 -5.70 -25.51
N GLY A 160 -33.04 -5.83 -24.19
CA GLY A 160 -33.46 -7.06 -23.51
C GLY A 160 -34.95 -7.11 -23.19
N PRO A 161 -35.50 -8.32 -22.98
CA PRO A 161 -36.92 -8.45 -22.66
C PRO A 161 -37.25 -8.07 -21.22
N ARG A 162 -38.45 -7.54 -21.00
CA ARG A 162 -38.90 -7.13 -19.66
C ARG A 162 -39.32 -8.36 -18.85
N LEU A 163 -38.85 -8.43 -17.61
CA LEU A 163 -39.12 -9.57 -16.72
C LEU A 163 -40.12 -9.21 -15.63
N ILE A 164 -39.77 -8.21 -14.81
CA ILE A 164 -40.60 -7.81 -13.66
C ILE A 164 -40.16 -6.44 -13.14
N GLN A 165 -41.08 -5.73 -12.49
CA GLN A 165 -40.77 -4.49 -11.77
C GLN A 165 -40.87 -4.75 -10.26
N LEU A 166 -39.88 -4.26 -9.52
CA LEU A 166 -39.87 -4.31 -8.05
C LEU A 166 -39.49 -2.92 -7.53
N ASP A 167 -40.36 -2.33 -6.71
CA ASP A 167 -40.22 -0.93 -6.26
C ASP A 167 -40.08 0.03 -7.46
N ASP A 168 -38.93 0.69 -7.61
CA ASP A 168 -38.68 1.60 -8.75
C ASP A 168 -37.56 1.04 -9.63
N VAL A 169 -37.56 -0.28 -9.81
CA VAL A 169 -36.49 -1.00 -10.53
C VAL A 169 -37.15 -2.01 -11.49
N THR A 170 -37.19 -1.66 -12.76
CA THR A 170 -37.69 -2.55 -13.81
C THR A 170 -36.52 -3.46 -14.25
N TYR A 171 -36.68 -4.76 -14.06
CA TYR A 171 -35.64 -5.74 -14.39
C TYR A 171 -35.80 -6.30 -15.79
N HIS A 172 -34.67 -6.46 -16.49
CA HIS A 172 -34.63 -6.98 -17.85
C HIS A 172 -33.62 -8.11 -17.96
N GLY A 173 -33.97 -9.16 -18.70
CA GLY A 173 -33.03 -10.25 -19.00
C GLY A 173 -32.05 -9.78 -20.05
N PHE A 174 -30.93 -10.48 -20.19
CA PHE A 174 -29.91 -10.08 -21.16
C PHE A 174 -30.38 -10.42 -22.58
N PRO A 175 -30.20 -9.50 -23.54
CA PRO A 175 -30.69 -9.74 -24.91
C PRO A 175 -29.91 -10.80 -25.67
N ASN A 176 -30.55 -11.36 -26.70
CA ASN A 176 -29.90 -12.29 -27.62
C ASN A 176 -28.98 -11.54 -28.60
N LEU A 177 -28.21 -12.30 -29.37
CA LEU A 177 -27.27 -11.73 -30.35
C LEU A 177 -27.97 -10.92 -31.45
N HIS A 178 -29.13 -11.38 -31.89
CA HIS A 178 -29.88 -10.72 -32.97
C HIS A 178 -30.38 -9.32 -32.60
N ALA A 179 -30.75 -9.11 -31.35
CA ALA A 179 -31.18 -7.79 -30.86
C ALA A 179 -30.07 -6.73 -30.99
N LEU A 180 -28.85 -7.12 -30.66
CA LEU A 180 -27.69 -6.21 -30.70
C LEU A 180 -27.07 -6.05 -32.10
N ALA A 181 -27.30 -7.01 -32.99
CA ALA A 181 -26.64 -7.07 -34.30
C ALA A 181 -27.25 -6.19 -35.41
N GLY A 182 -28.46 -5.66 -35.19
CA GLY A 182 -29.18 -4.92 -36.23
C GLY A 182 -28.55 -3.58 -36.61
N PRO A 183 -29.00 -2.97 -37.72
CA PRO A 183 -28.38 -1.76 -38.29
C PRO A 183 -28.57 -0.46 -37.49
N GLU A 184 -29.33 -0.53 -36.40
CA GLU A 184 -29.71 0.62 -35.58
C GLU A 184 -29.05 0.61 -34.19
N ALA A 185 -28.35 -0.47 -33.85
CA ALA A 185 -27.88 -0.70 -32.48
C ALA A 185 -26.71 0.20 -32.07
N GLU A 186 -25.80 0.47 -33.01
CA GLU A 186 -24.61 1.28 -32.72
C GLU A 186 -24.99 2.71 -32.33
N THR A 187 -25.85 3.34 -33.14
CA THR A 187 -26.35 4.69 -32.85
C THR A 187 -27.17 4.74 -31.56
N HIS A 188 -27.97 3.70 -31.32
CA HIS A 188 -28.76 3.57 -30.09
C HIS A 188 -27.84 3.45 -28.86
N LEU A 189 -26.90 2.50 -28.92
CA LEU A 189 -25.94 2.27 -27.82
C LEU A 189 -25.03 3.49 -27.54
N ARG A 190 -24.72 4.26 -28.59
CA ARG A 190 -23.96 5.51 -28.42
C ARG A 190 -24.74 6.55 -27.62
N LYS A 191 -26.03 6.68 -27.92
CA LYS A 191 -26.93 7.57 -27.15
C LYS A 191 -27.06 7.11 -25.69
N LEU A 192 -27.08 5.80 -25.46
CA LEU A 192 -27.10 5.23 -24.11
C LEU A 192 -25.75 5.35 -23.37
N GLY A 193 -24.69 5.74 -24.08
CA GLY A 193 -23.44 6.18 -23.45
C GLY A 193 -22.26 5.22 -23.50
N LEU A 194 -22.32 4.20 -24.37
CA LEU A 194 -21.20 3.26 -24.54
C LEU A 194 -20.01 3.88 -25.27
N GLY A 195 -20.26 4.89 -26.11
CA GLY A 195 -19.21 5.58 -26.85
C GLY A 195 -18.65 4.70 -27.95
N TYR A 196 -17.32 4.54 -27.97
CA TYR A 196 -16.64 3.65 -28.94
C TYR A 196 -17.01 2.18 -28.79
N ARG A 197 -17.45 1.78 -27.60
CA ARG A 197 -17.80 0.39 -27.31
C ARG A 197 -19.09 -0.07 -28.03
N ALA A 198 -19.91 0.89 -28.45
CA ALA A 198 -21.11 0.61 -29.24
C ALA A 198 -20.83 -0.11 -30.57
N ARG A 199 -19.72 0.24 -31.23
CA ARG A 199 -19.31 -0.44 -32.46
C ARG A 199 -18.99 -1.92 -32.23
N TYR A 200 -18.22 -2.19 -31.17
CA TYR A 200 -17.79 -3.57 -30.86
C TYR A 200 -18.94 -4.48 -30.41
N VAL A 201 -19.91 -3.90 -29.68
CA VAL A 201 -21.09 -4.65 -29.24
C VAL A 201 -21.88 -5.15 -30.45
N ARG A 202 -22.21 -4.22 -31.36
CA ARG A 202 -22.92 -4.57 -32.59
C ARG A 202 -22.10 -5.51 -33.49
N ALA A 203 -20.85 -5.14 -33.73
CA ALA A 203 -19.99 -5.88 -34.66
C ALA A 203 -19.73 -7.33 -34.21
N SER A 204 -19.48 -7.53 -32.92
CA SER A 204 -19.29 -8.88 -32.36
C SER A 204 -20.58 -9.69 -32.37
N ALA A 205 -21.71 -9.04 -32.10
CA ALA A 205 -23.03 -9.67 -32.18
C ALA A 205 -23.34 -10.11 -33.61
N LYS A 206 -23.10 -9.22 -34.56
CA LYS A 206 -23.24 -9.53 -35.99
C LYS A 206 -22.23 -10.57 -36.47
N ALA A 207 -21.02 -10.54 -35.91
CA ALA A 207 -19.97 -11.50 -36.26
C ALA A 207 -20.28 -12.91 -35.74
N ILE A 208 -20.68 -13.02 -34.48
CA ILE A 208 -21.02 -14.34 -33.90
C ILE A 208 -22.21 -14.97 -34.64
N LEU A 209 -23.18 -14.16 -35.02
CA LEU A 209 -24.40 -14.64 -35.67
C LEU A 209 -24.17 -15.08 -37.12
N GLU A 210 -23.36 -14.32 -37.86
CA GLU A 210 -23.14 -14.54 -39.30
C GLU A 210 -21.91 -15.40 -39.60
N GLU A 211 -20.78 -15.09 -38.95
CA GLU A 211 -19.52 -15.81 -39.18
C GLU A 211 -19.46 -17.12 -38.41
N GLN A 212 -19.92 -17.12 -37.16
CA GLN A 212 -19.77 -18.27 -36.24
C GLN A 212 -21.04 -19.12 -36.00
N GLY A 213 -22.22 -18.56 -36.25
CA GLY A 213 -23.47 -19.32 -36.26
C GLY A 213 -24.34 -19.28 -35.02
N GLY A 214 -24.30 -18.18 -34.28
CA GLY A 214 -25.22 -17.96 -33.14
C GLY A 214 -24.67 -18.39 -31.79
N PRO A 215 -25.54 -18.40 -30.75
CA PRO A 215 -25.13 -18.74 -29.37
C PRO A 215 -24.53 -20.15 -29.17
N ALA A 216 -24.88 -21.08 -30.05
CA ALA A 216 -24.32 -22.44 -30.04
C ALA A 216 -22.79 -22.46 -30.13
N TRP A 217 -22.21 -21.50 -30.86
CA TRP A 217 -20.75 -21.32 -30.96
C TRP A 217 -20.08 -21.11 -29.60
N LEU A 218 -20.70 -20.30 -28.74
CA LEU A 218 -20.18 -20.07 -27.38
C LEU A 218 -20.25 -21.34 -26.52
N GLN A 219 -21.27 -22.18 -26.74
CA GLN A 219 -21.33 -23.51 -26.11
C GLN A 219 -20.29 -24.50 -26.65
N GLN A 220 -19.91 -24.36 -27.93
CA GLN A 220 -18.76 -25.11 -28.49
C GLN A 220 -17.45 -24.68 -27.81
N LEU A 221 -17.28 -23.37 -27.63
CA LEU A 221 -16.10 -22.82 -26.94
C LEU A 221 -16.03 -23.25 -25.46
N ARG A 222 -17.18 -23.49 -24.85
CA ARG A 222 -17.26 -24.02 -23.47
C ARG A 222 -16.60 -25.39 -23.35
N VAL A 223 -16.97 -26.31 -24.24
CA VAL A 223 -16.41 -27.66 -24.27
C VAL A 223 -15.02 -27.73 -24.94
N ALA A 224 -14.73 -26.81 -25.87
CA ALA A 224 -13.42 -26.71 -26.51
C ALA A 224 -12.34 -26.29 -25.51
N PRO A 225 -11.05 -26.58 -25.79
CA PRO A 225 -9.98 -26.23 -24.84
C PRO A 225 -9.69 -24.73 -24.75
N TYR A 226 -9.07 -24.32 -23.64
CA TYR A 226 -8.75 -22.91 -23.34
C TYR A 226 -7.98 -22.19 -24.45
N GLU A 227 -7.04 -22.90 -25.08
CA GLU A 227 -6.16 -22.31 -26.09
C GLU A 227 -6.92 -21.92 -27.35
N GLU A 228 -7.76 -22.84 -27.82
CA GLU A 228 -8.58 -22.63 -29.02
C GLU A 228 -9.63 -21.54 -28.80
N ALA A 229 -10.34 -21.63 -27.67
CA ALA A 229 -11.39 -20.67 -27.31
C ALA A 229 -10.88 -19.23 -27.20
N HIS A 230 -9.68 -19.07 -26.64
CA HIS A 230 -9.04 -17.75 -26.50
C HIS A 230 -8.71 -17.12 -27.86
N LYS A 231 -8.08 -17.92 -28.74
CA LYS A 231 -7.79 -17.49 -30.11
C LYS A 231 -9.07 -17.22 -30.91
N ALA A 232 -10.09 -18.06 -30.71
CA ALA A 232 -11.37 -17.91 -31.39
C ALA A 232 -12.08 -16.61 -31.01
N LEU A 233 -12.11 -16.32 -29.72
CA LEU A 233 -12.67 -15.06 -29.21
C LEU A 233 -11.90 -13.82 -29.69
N CYS A 234 -10.59 -13.95 -29.89
CA CYS A 234 -9.75 -12.84 -30.39
C CYS A 234 -10.00 -12.41 -31.84
N THR A 235 -10.75 -13.20 -32.61
CA THR A 235 -11.22 -12.78 -33.94
C THR A 235 -12.37 -11.76 -33.86
N LEU A 236 -13.08 -11.71 -32.74
CA LEU A 236 -14.24 -10.84 -32.57
C LEU A 236 -13.83 -9.37 -32.42
N PRO A 237 -14.61 -8.44 -33.03
CA PRO A 237 -14.37 -7.00 -32.85
C PRO A 237 -14.43 -6.55 -31.38
N GLY A 238 -13.37 -5.88 -30.93
CA GLY A 238 -13.28 -5.38 -29.55
C GLY A 238 -12.95 -6.42 -28.49
N VAL A 239 -12.48 -7.59 -28.91
CA VAL A 239 -12.14 -8.68 -28.00
C VAL A 239 -10.67 -9.06 -28.21
N GLY A 240 -9.82 -8.68 -27.28
CA GLY A 240 -8.40 -9.06 -27.29
C GLY A 240 -8.11 -10.13 -26.24
N ALA A 241 -6.84 -10.24 -25.86
CA ALA A 241 -6.39 -11.21 -24.87
C ALA A 241 -7.07 -11.04 -23.51
N LYS A 242 -7.19 -9.77 -23.09
CA LYS A 242 -7.85 -9.41 -21.83
C LYS A 242 -9.33 -9.84 -21.79
N VAL A 243 -10.11 -9.42 -22.78
CA VAL A 243 -11.55 -9.70 -22.81
C VAL A 243 -11.83 -11.19 -23.04
N ALA A 244 -11.03 -11.82 -23.91
CA ALA A 244 -11.14 -13.28 -24.15
C ALA A 244 -10.86 -14.10 -22.89
N ASP A 245 -9.86 -13.67 -22.11
CA ASP A 245 -9.53 -14.32 -20.83
C ASP A 245 -10.65 -14.16 -19.79
N CYS A 246 -11.26 -12.97 -19.75
CA CYS A 246 -12.42 -12.74 -18.87
C CYS A 246 -13.55 -13.69 -19.21
N ILE A 247 -13.86 -13.82 -20.50
CA ILE A 247 -14.90 -14.70 -21.00
C ILE A 247 -14.56 -16.16 -20.70
N CYS A 248 -13.33 -16.58 -21.06
CA CYS A 248 -12.84 -17.94 -20.80
C CYS A 248 -13.00 -18.34 -19.33
N LEU A 249 -12.54 -17.46 -18.44
CA LEU A 249 -12.60 -17.70 -16.99
C LEU A 249 -14.02 -17.77 -16.44
N MET A 250 -14.79 -16.72 -16.69
CA MET A 250 -16.07 -16.51 -16.02
C MET A 250 -17.29 -17.13 -16.71
N ALA A 251 -17.11 -17.61 -17.95
CA ALA A 251 -18.22 -18.17 -18.73
C ALA A 251 -17.95 -19.53 -19.38
N LEU A 252 -16.73 -19.76 -19.85
CA LEU A 252 -16.40 -20.99 -20.59
C LEU A 252 -15.64 -22.06 -19.77
N ASP A 253 -15.70 -21.97 -18.44
CA ASP A 253 -15.10 -22.96 -17.53
C ASP A 253 -13.61 -23.21 -17.81
N LYS A 254 -12.84 -22.13 -17.82
CA LYS A 254 -11.38 -22.19 -17.97
C LYS A 254 -10.75 -21.56 -16.73
N PRO A 255 -10.66 -22.33 -15.62
CA PRO A 255 -10.17 -21.76 -14.36
C PRO A 255 -8.73 -21.21 -14.38
N GLN A 256 -7.91 -21.71 -15.30
CA GLN A 256 -6.53 -21.22 -15.50
C GLN A 256 -6.40 -19.88 -16.23
N ALA A 257 -7.49 -19.35 -16.78
CA ALA A 257 -7.46 -18.08 -17.53
C ALA A 257 -7.17 -16.88 -16.61
N VAL A 258 -6.18 -16.07 -17.00
CA VAL A 258 -5.71 -14.92 -16.22
C VAL A 258 -5.84 -13.67 -17.12
N PRO A 259 -6.92 -12.88 -16.93
CA PRO A 259 -7.05 -11.62 -17.68
C PRO A 259 -6.04 -10.54 -17.24
N VAL A 260 -5.33 -9.96 -18.21
CA VAL A 260 -4.26 -8.99 -17.95
C VAL A 260 -4.60 -7.63 -18.57
N ASP A 261 -4.93 -6.65 -17.74
CA ASP A 261 -5.34 -5.30 -18.18
C ASP A 261 -4.36 -4.18 -17.79
N VAL A 262 -4.06 -4.11 -16.50
CA VAL A 262 -3.41 -2.96 -15.82
C VAL A 262 -3.55 -3.10 -14.30
N HIS A 263 -4.71 -3.59 -13.86
CA HIS A 263 -4.98 -3.86 -12.44
C HIS A 263 -4.20 -5.07 -11.91
N VAL A 264 -4.04 -6.12 -12.72
CA VAL A 264 -3.10 -7.22 -12.37
C VAL A 264 -1.66 -6.73 -12.44
N TRP A 265 -1.35 -5.86 -13.41
CA TRP A 265 -0.03 -5.25 -13.53
C TRP A 265 0.34 -4.49 -12.26
N GLN A 266 -0.60 -3.70 -11.75
CA GLN A 266 -0.39 -2.96 -10.51
C GLN A 266 -0.22 -3.89 -9.32
N ILE A 267 -1.07 -4.92 -9.23
CA ILE A 267 -0.99 -5.91 -8.15
C ILE A 267 0.30 -6.71 -8.23
N ALA A 268 0.54 -7.34 -9.38
CA ALA A 268 1.75 -8.15 -9.61
C ALA A 268 3.03 -7.39 -9.30
N HIS A 269 3.09 -6.14 -9.74
CA HIS A 269 4.25 -5.29 -9.51
C HIS A 269 4.40 -4.91 -8.04
N ARG A 270 3.37 -4.26 -7.49
CA ARG A 270 3.41 -3.75 -6.11
C ARG A 270 3.47 -4.86 -5.06
N ASP A 271 2.64 -5.89 -5.22
CA ASP A 271 2.46 -6.94 -4.20
C ASP A 271 3.35 -8.17 -4.35
N TYR A 272 3.82 -8.46 -5.58
CA TYR A 272 4.73 -9.59 -5.83
C TYR A 272 6.14 -9.20 -6.29
N GLY A 273 6.35 -7.92 -6.62
CA GLY A 273 7.65 -7.46 -7.11
C GLY A 273 7.99 -8.00 -8.49
N TRP A 274 6.97 -8.25 -9.31
CA TRP A 274 7.16 -8.85 -10.63
C TRP A 274 7.57 -7.80 -11.67
N HIS A 275 8.39 -8.22 -12.63
CA HIS A 275 8.74 -7.42 -13.80
C HIS A 275 8.73 -8.28 -15.06
N PRO A 276 8.67 -7.65 -16.24
CA PRO A 276 8.89 -8.39 -17.48
C PRO A 276 10.38 -8.79 -17.61
N LYS A 277 10.69 -10.01 -17.19
CA LYS A 277 12.07 -10.50 -17.15
C LYS A 277 12.58 -10.86 -18.55
N THR A 278 11.83 -11.73 -19.24
CA THR A 278 12.21 -12.20 -20.57
C THR A 278 12.03 -11.11 -21.64
N SER A 279 10.89 -10.42 -21.58
CA SER A 279 10.57 -9.35 -22.53
C SER A 279 11.40 -8.09 -22.24
N GLN A 280 11.81 -7.39 -23.31
CA GLN A 280 12.60 -6.16 -23.20
C GLN A 280 11.79 -4.94 -22.76
N ALA A 281 10.50 -4.93 -23.06
CA ALA A 281 9.61 -3.82 -22.70
C ALA A 281 9.37 -3.77 -21.19
N LYS A 282 9.45 -2.56 -20.62
CA LYS A 282 9.25 -2.36 -19.18
C LYS A 282 7.77 -2.31 -18.80
N GLY A 283 6.95 -1.71 -19.66
CA GLY A 283 5.50 -1.56 -19.43
C GLY A 283 4.65 -2.61 -20.12
N PRO A 284 3.30 -2.45 -20.07
CA PRO A 284 2.36 -3.36 -20.73
C PRO A 284 2.56 -3.51 -22.24
N SER A 285 2.45 -4.76 -22.71
CA SER A 285 2.52 -5.10 -24.14
C SER A 285 1.99 -6.52 -24.32
N PRO A 286 1.54 -6.88 -25.55
CA PRO A 286 1.00 -8.23 -25.81
C PRO A 286 1.89 -9.39 -25.30
N LEU A 287 3.20 -9.28 -25.54
CA LEU A 287 4.17 -10.28 -25.09
C LEU A 287 4.38 -10.24 -23.56
N ALA A 288 4.41 -9.05 -22.98
CA ALA A 288 4.56 -8.88 -21.53
C ALA A 288 3.31 -9.31 -20.76
N ASN A 289 2.13 -9.00 -21.30
CA ASN A 289 0.85 -9.44 -20.72
C ASN A 289 0.73 -10.96 -20.73
N LYS A 290 1.16 -11.57 -21.83
CA LYS A 290 1.19 -13.04 -21.97
C LYS A 290 2.12 -13.68 -20.93
N GLU A 291 3.26 -13.03 -20.67
CA GLU A 291 4.22 -13.49 -19.65
C GLU A 291 3.64 -13.41 -18.23
N LEU A 292 2.91 -12.34 -17.94
CA LEU A 292 2.32 -12.13 -16.62
C LEU A 292 1.23 -13.17 -16.30
N GLY A 293 0.44 -13.54 -17.31
CA GLY A 293 -0.52 -14.64 -17.19
C GLY A 293 0.14 -15.98 -16.88
N ASN A 294 1.28 -16.23 -17.51
CA ASN A 294 2.07 -17.44 -17.28
C ASN A 294 2.74 -17.49 -15.90
N PHE A 295 3.17 -16.32 -15.41
CA PHE A 295 3.73 -16.20 -14.05
C PHE A 295 2.72 -16.64 -12.99
N PHE A 296 1.50 -16.12 -13.09
CA PHE A 296 0.43 -16.46 -12.15
C PHE A 296 -0.09 -17.90 -12.32
N ARG A 297 -0.14 -18.39 -13.57
CA ARG A 297 -0.49 -19.79 -13.83
C ARG A 297 0.53 -20.76 -13.24
N ASN A 298 1.82 -20.45 -13.41
CA ASN A 298 2.89 -21.24 -12.81
C ASN A 298 2.90 -21.17 -11.27
N LEU A 299 2.58 -19.99 -10.74
CA LEU A 299 2.55 -19.76 -9.29
C LEU A 299 1.37 -20.45 -8.58
N TRP A 300 0.16 -20.22 -9.10
CA TRP A 300 -1.08 -20.74 -8.47
C TRP A 300 -1.53 -22.10 -8.99
N GLY A 301 -1.40 -22.32 -10.30
CA GLY A 301 -1.72 -23.61 -10.92
C GLY A 301 -2.86 -23.52 -11.92
N PRO A 302 -3.67 -24.59 -12.05
CA PRO A 302 -4.75 -24.60 -13.05
C PRO A 302 -6.02 -23.81 -12.68
N TYR A 303 -6.09 -23.27 -11.46
CA TYR A 303 -7.19 -22.37 -11.04
C TYR A 303 -6.66 -20.96 -10.73
N ALA A 304 -5.75 -20.48 -11.58
CA ALA A 304 -5.09 -19.18 -11.37
C ALA A 304 -6.06 -18.00 -11.40
N GLY A 305 -7.02 -18.03 -12.33
CA GLY A 305 -8.06 -17.00 -12.43
C GLY A 305 -8.94 -16.85 -11.21
N TRP A 306 -9.17 -17.95 -10.49
CA TRP A 306 -9.98 -17.94 -9.28
C TRP A 306 -9.25 -17.20 -8.14
N ALA A 307 -7.93 -17.41 -8.06
CA ALA A 307 -7.08 -16.69 -7.11
C ALA A 307 -7.00 -15.20 -7.41
N GLN A 308 -6.94 -14.85 -8.70
CA GLN A 308 -6.97 -13.46 -9.16
C GLN A 308 -8.23 -12.72 -8.70
N ALA A 309 -9.36 -13.42 -8.72
CA ALA A 309 -10.64 -12.85 -8.28
C ALA A 309 -10.65 -12.46 -6.81
N VAL A 310 -9.90 -13.19 -5.98
CA VAL A 310 -9.77 -12.87 -4.55
C VAL A 310 -8.96 -11.58 -4.37
N LEU A 311 -7.90 -11.43 -5.16
CA LEU A 311 -7.06 -10.23 -5.14
C LEU A 311 -7.78 -9.01 -5.70
N PHE A 312 -8.56 -9.21 -6.77
CA PHE A 312 -9.39 -8.13 -7.34
C PHE A 312 -10.42 -7.61 -6.35
N SER A 313 -11.10 -8.52 -5.66
CA SER A 313 -12.03 -8.14 -4.59
C SER A 313 -11.34 -7.43 -3.43
N ALA A 314 -10.12 -7.89 -3.09
CA ALA A 314 -9.32 -7.29 -2.02
C ALA A 314 -8.74 -5.93 -2.39
N ASP A 315 -8.38 -5.74 -3.67
CA ASP A 315 -7.81 -4.47 -4.14
C ASP A 315 -8.87 -3.36 -4.27
N LEU A 316 -10.13 -3.75 -4.52
CA LEU A 316 -11.26 -2.81 -4.53
C LEU A 316 -11.61 -2.24 -3.15
N ARG A 317 -11.36 -3.03 -2.10
CA ARG A 317 -11.68 -2.65 -0.71
C ARG A 317 -10.41 -2.53 0.12
N HIS B 3 -1.16 -30.78 40.25
CA HIS B 3 0.05 -30.33 39.51
C HIS B 3 0.23 -28.81 39.60
N MET B 4 1.47 -28.37 39.38
CA MET B 4 1.79 -26.93 39.32
C MET B 4 1.21 -26.27 38.07
N ARG B 5 0.69 -25.05 38.23
CA ARG B 5 -0.03 -24.33 37.17
C ARG B 5 0.72 -23.09 36.69
N HIS B 6 0.20 -22.47 35.63
CA HIS B 6 0.77 -21.23 35.07
C HIS B 6 0.46 -20.03 35.96
N ARG B 7 1.49 -19.28 36.32
CA ARG B 7 1.36 -18.17 37.26
C ARG B 7 0.80 -16.91 36.59
N THR B 8 0.16 -16.07 37.41
CA THR B 8 -0.28 -14.73 37.00
C THR B 8 0.04 -13.74 38.13
N LEU B 9 -0.10 -12.45 37.85
CA LEU B 9 0.36 -11.39 38.75
C LEU B 9 -0.64 -11.15 39.89
N SER B 10 -1.94 -11.24 39.57
CA SER B 10 -3.00 -11.14 40.57
C SER B 10 -3.10 -12.38 41.44
N SER B 11 -3.08 -13.56 40.82
CA SER B 11 -3.21 -14.85 41.53
C SER B 11 -2.00 -15.13 42.45
N SER B 12 -0.80 -14.79 41.97
CA SER B 12 0.41 -14.89 42.76
C SER B 12 1.26 -13.61 42.55
N PRO B 13 1.18 -12.64 43.49
CA PRO B 13 2.04 -11.45 43.41
C PRO B 13 3.43 -11.61 44.04
N ALA B 14 3.58 -12.55 44.98
CA ALA B 14 4.83 -12.73 45.73
C ALA B 14 5.97 -13.34 44.91
N LEU B 15 5.62 -14.29 44.02
CA LEU B 15 6.63 -15.07 43.29
C LEU B 15 7.23 -14.38 42.05
N TRP B 16 6.79 -13.16 41.73
CA TRP B 16 7.29 -12.41 40.58
C TRP B 16 8.35 -11.39 40.97
N ALA B 17 9.35 -11.21 40.11
CA ALA B 17 10.37 -10.17 40.23
C ALA B 17 10.03 -9.02 39.28
N SER B 18 10.88 -7.99 39.22
CA SER B 18 10.66 -6.84 38.33
C SER B 18 11.97 -6.13 37.96
N ILE B 19 12.01 -5.61 36.73
CA ILE B 19 13.14 -4.82 36.20
C ILE B 19 12.58 -3.51 35.63
N PRO B 20 13.29 -2.38 35.85
CA PRO B 20 12.87 -1.14 35.19
C PRO B 20 13.09 -1.20 33.68
N CYS B 21 12.01 -1.10 32.92
CA CYS B 21 12.05 -1.23 31.46
C CYS B 21 10.74 -0.71 30.86
N PRO B 22 10.77 0.46 30.20
CA PRO B 22 9.53 1.02 29.66
C PRO B 22 9.06 0.29 28.40
N ARG B 23 7.77 0.42 28.09
CA ARG B 23 7.17 -0.22 26.89
C ARG B 23 7.76 0.28 25.57
N SER B 24 8.27 1.51 25.54
CA SER B 24 8.95 2.06 24.36
C SER B 24 10.30 1.38 24.05
N GLU B 25 10.91 0.74 25.06
CA GLU B 25 12.14 -0.04 24.87
C GLU B 25 11.90 -1.53 24.58
N LEU B 26 10.83 -2.10 25.13
CA LEU B 26 10.48 -3.50 24.88
C LEU B 26 8.97 -3.72 25.00
N ARG B 27 8.35 -4.12 23.89
CA ARG B 27 6.94 -4.51 23.86
C ARG B 27 6.90 -6.00 23.52
N LEU B 28 6.70 -6.82 24.56
CA LEU B 28 6.81 -8.29 24.47
C LEU B 28 5.95 -8.93 23.37
N ASP B 29 4.74 -8.40 23.18
CA ASP B 29 3.83 -8.88 22.14
C ASP B 29 4.34 -8.69 20.71
N LEU B 30 5.14 -7.65 20.48
CA LEU B 30 5.74 -7.38 19.17
C LEU B 30 7.15 -7.96 18.97
N VAL B 31 7.71 -8.60 20.00
CA VAL B 31 9.07 -9.18 19.94
C VAL B 31 9.05 -10.71 19.99
N LEU B 32 8.37 -11.28 20.97
CA LEU B 32 8.40 -12.74 21.22
C LEU B 32 7.70 -13.57 20.14
N ALA B 33 6.78 -12.97 19.39
CA ALA B 33 6.05 -13.67 18.30
C ALA B 33 6.30 -13.07 16.91
N SER B 34 7.32 -12.22 16.76
CA SER B 34 7.64 -11.59 15.46
C SER B 34 8.58 -12.41 14.57
N GLY B 35 8.92 -13.64 14.98
CA GLY B 35 9.72 -14.56 14.17
C GLY B 35 11.21 -14.53 14.44
N GLN B 36 11.58 -14.32 15.70
CA GLN B 36 12.97 -14.40 16.15
C GLN B 36 13.17 -15.69 16.95
N SER B 37 12.36 -15.83 18.01
CA SER B 37 12.27 -17.07 18.78
C SER B 37 10.90 -17.68 18.53
N PHE B 38 10.84 -19.01 18.56
CA PHE B 38 9.58 -19.75 18.37
C PHE B 38 9.31 -20.62 19.60
N ARG B 39 9.66 -20.07 20.78
CA ARG B 39 9.62 -20.80 22.04
C ARG B 39 8.81 -20.06 23.11
N TRP B 40 7.98 -19.10 22.69
CA TRP B 40 7.18 -18.28 23.60
C TRP B 40 5.73 -18.29 23.13
N LYS B 41 4.81 -18.46 24.07
CA LYS B 41 3.38 -18.45 23.78
C LYS B 41 2.59 -17.74 24.88
N GLU B 42 1.63 -16.91 24.47
CA GLU B 42 0.81 -16.12 25.37
C GLU B 42 -0.28 -17.02 26.00
N GLN B 43 0.13 -17.79 27.00
CA GLN B 43 -0.74 -18.83 27.59
C GLN B 43 -1.87 -18.18 28.39
N SER B 44 -1.50 -17.26 29.27
CA SER B 44 -2.45 -16.35 29.93
C SER B 44 -2.40 -14.99 29.21
N PRO B 45 -3.51 -14.21 29.24
CA PRO B 45 -3.53 -12.87 28.61
C PRO B 45 -2.42 -11.94 29.09
N ALA B 46 -1.66 -11.39 28.14
CA ALA B 46 -0.49 -10.53 28.41
C ALA B 46 0.64 -11.21 29.20
N HIS B 47 0.65 -12.54 29.22
CA HIS B 47 1.53 -13.32 30.09
C HIS B 47 2.24 -14.39 29.27
N TRP B 48 3.38 -14.03 28.70
CA TRP B 48 4.10 -14.86 27.73
C TRP B 48 5.01 -15.88 28.41
N SER B 49 4.61 -17.15 28.36
CA SER B 49 5.38 -18.25 28.96
C SER B 49 6.25 -18.95 27.92
N GLY B 50 7.46 -19.37 28.33
CA GLY B 50 8.39 -20.01 27.41
C GLY B 50 9.66 -20.53 28.06
N VAL B 51 10.48 -21.22 27.26
CA VAL B 51 11.72 -21.86 27.73
C VAL B 51 12.91 -20.95 27.47
N LEU B 52 13.93 -21.06 28.32
CA LEU B 52 15.16 -20.27 28.20
C LEU B 52 16.31 -20.96 28.95
N ALA B 53 17.28 -21.49 28.19
CA ALA B 53 18.49 -22.13 28.74
C ALA B 53 18.19 -23.26 29.74
N ASP B 54 17.40 -24.23 29.29
CA ASP B 54 16.94 -25.37 30.11
C ASP B 54 16.23 -24.91 31.39
N GLN B 55 15.33 -23.94 31.24
CA GLN B 55 14.63 -23.33 32.37
C GLN B 55 13.40 -22.57 31.86
N VAL B 56 12.24 -22.79 32.49
CA VAL B 56 10.98 -22.21 32.03
C VAL B 56 10.78 -20.82 32.65
N TRP B 57 10.16 -19.91 31.88
CA TRP B 57 9.88 -18.55 32.31
C TRP B 57 8.44 -18.14 31.98
N THR B 58 7.95 -17.12 32.67
CA THR B 58 6.71 -16.41 32.29
C THR B 58 6.93 -14.91 32.51
N LEU B 59 6.49 -14.10 31.55
CA LEU B 59 6.77 -12.66 31.54
C LEU B 59 5.51 -11.85 31.22
N THR B 60 5.32 -10.77 31.97
CA THR B 60 4.32 -9.74 31.65
C THR B 60 4.93 -8.36 31.90
N GLN B 61 4.17 -7.30 31.60
CA GLN B 61 4.69 -5.94 31.76
C GLN B 61 3.60 -4.88 31.89
N THR B 62 4.00 -3.74 32.44
CA THR B 62 3.17 -2.54 32.54
C THR B 62 3.84 -1.43 31.72
N GLU B 63 3.22 -0.25 31.68
CA GLU B 63 3.80 0.93 31.02
C GLU B 63 5.22 1.27 31.49
N ASP B 64 5.50 1.04 32.77
CA ASP B 64 6.78 1.39 33.40
C ASP B 64 7.76 0.22 33.52
N GLN B 65 7.28 -0.97 33.90
CA GLN B 65 8.16 -2.10 34.27
C GLN B 65 7.92 -3.42 33.53
N LEU B 66 8.93 -4.29 33.61
CA LEU B 66 8.89 -5.65 33.05
C LEU B 66 8.90 -6.69 34.17
N TYR B 67 7.78 -7.37 34.37
CA TYR B 67 7.63 -8.36 35.45
C TYR B 67 8.07 -9.76 34.98
N CYS B 68 8.68 -10.51 35.89
CA CYS B 68 9.32 -11.80 35.57
C CYS B 68 8.83 -12.94 36.47
N THR B 69 9.13 -14.17 36.06
CA THR B 69 8.78 -15.39 36.80
C THR B 69 9.55 -16.58 36.21
N VAL B 70 10.06 -17.46 37.08
CA VAL B 70 10.86 -18.62 36.66
C VAL B 70 10.42 -19.90 37.38
N TYR B 71 10.59 -21.03 36.69
CA TYR B 71 10.25 -22.35 37.24
C TYR B 71 11.49 -23.24 37.15
N ARG B 72 11.93 -23.75 38.31
CA ARG B 72 13.14 -24.57 38.41
C ARG B 72 12.76 -26.05 38.59
N GLN B 77 11.97 -26.09 46.97
CA GLN B 77 12.83 -25.03 46.44
C GLN B 77 12.08 -24.10 45.46
N VAL B 78 10.83 -23.78 45.81
CA VAL B 78 10.00 -22.81 45.06
C VAL B 78 10.26 -21.42 45.62
N SER B 79 10.48 -20.44 44.74
CA SER B 79 10.81 -19.07 45.15
C SER B 79 10.50 -18.04 44.04
N ARG B 80 11.33 -17.00 43.92
CA ARG B 80 11.14 -15.90 42.97
C ARG B 80 12.41 -15.81 42.09
N PRO B 81 12.31 -15.25 40.86
CA PRO B 81 13.48 -15.09 39.98
C PRO B 81 14.73 -14.53 40.66
N THR B 82 15.82 -15.28 40.62
CA THR B 82 17.06 -14.92 41.33
C THR B 82 17.87 -13.87 40.55
N LEU B 83 18.91 -13.35 41.21
CA LEU B 83 19.79 -12.33 40.62
C LEU B 83 20.45 -12.77 39.31
N GLU B 84 21.03 -13.98 39.34
CA GLU B 84 21.77 -14.52 38.19
C GLU B 84 20.83 -14.88 37.04
N GLU B 85 19.67 -15.40 37.40
CA GLU B 85 18.61 -15.72 36.44
C GLU B 85 17.96 -14.46 35.83
N LEU B 86 17.84 -13.39 36.63
CA LEU B 86 17.39 -12.09 36.13
C LEU B 86 18.44 -11.40 35.24
N GLU B 87 19.72 -11.60 35.55
CA GLU B 87 20.82 -11.11 34.71
C GLU B 87 20.85 -11.79 33.34
N THR B 88 20.47 -13.07 33.30
CA THR B 88 20.33 -13.82 32.05
C THR B 88 19.23 -13.24 31.16
N LEU B 89 18.08 -12.91 31.76
CA LEU B 89 16.96 -12.29 31.05
C LEU B 89 17.31 -10.89 30.53
N HIS B 90 18.11 -10.16 31.29
CA HIS B 90 18.56 -8.81 30.91
C HIS B 90 19.46 -8.82 29.67
N LYS B 91 20.43 -9.75 29.65
CA LYS B 91 21.32 -9.93 28.51
C LYS B 91 20.61 -10.56 27.30
N TYR B 92 19.58 -11.36 27.57
CA TYR B 92 18.76 -11.98 26.52
C TYR B 92 18.01 -10.94 25.67
N PHE B 93 17.43 -9.94 26.33
CA PHE B 93 16.74 -8.84 25.65
C PHE B 93 17.66 -7.70 25.18
N GLN B 94 18.95 -7.74 25.55
CA GLN B 94 19.91 -6.67 25.22
C GLN B 94 19.39 -5.29 25.64
N LEU B 95 18.95 -5.20 26.89
CA LEU B 95 18.47 -3.95 27.49
C LEU B 95 19.61 -2.94 27.70
N ASP B 96 20.85 -3.46 27.69
CA ASP B 96 22.06 -2.64 27.52
C ASP B 96 21.94 -1.62 26.40
N VAL B 97 21.46 -2.06 25.23
CA VAL B 97 21.31 -1.21 24.05
C VAL B 97 20.08 -0.32 24.19
N SER B 98 20.24 0.98 23.89
CA SER B 98 19.13 1.93 23.92
C SER B 98 18.39 1.93 22.59
N LEU B 99 17.15 1.46 22.60
CA LEU B 99 16.30 1.44 21.41
C LEU B 99 15.80 2.84 21.00
N ALA B 100 15.80 3.79 21.92
CA ALA B 100 15.40 5.18 21.63
C ALA B 100 16.36 5.89 20.67
N GLN B 101 17.67 5.72 20.92
CA GLN B 101 18.71 6.32 20.07
C GLN B 101 18.74 5.73 18.66
N LEU B 102 18.47 4.42 18.55
CA LEU B 102 18.43 3.74 17.26
C LEU B 102 17.21 4.15 16.42
N TYR B 103 16.02 4.15 17.05
CA TYR B 103 14.79 4.64 16.40
C TYR B 103 14.91 6.07 15.87
N SER B 104 15.65 6.92 16.59
CA SER B 104 15.92 8.29 16.17
C SER B 104 16.79 8.35 14.92
N HIS B 105 17.92 7.63 14.94
CA HIS B 105 18.85 7.60 13.81
C HIS B 105 18.21 7.04 12.54
N TRP B 106 17.49 5.93 12.68
CA TRP B 106 16.81 5.30 11.55
C TRP B 106 15.73 6.20 10.96
N ALA B 107 14.98 6.89 11.82
CA ALA B 107 13.94 7.83 11.38
C ALA B 107 14.47 9.03 10.61
N SER B 108 15.67 9.50 10.96
CA SER B 108 16.29 10.65 10.30
C SER B 108 16.79 10.31 8.89
N VAL B 109 17.45 9.16 8.73
CA VAL B 109 17.96 8.70 7.43
C VAL B 109 16.96 7.92 6.57
N ASP B 110 15.76 7.65 7.10
CA ASP B 110 14.73 6.87 6.39
C ASP B 110 13.34 7.39 6.77
N SER B 111 12.65 7.99 5.79
CA SER B 111 11.32 8.57 6.00
C SER B 111 10.22 7.52 6.11
N HIS B 112 10.37 6.40 5.40
CA HIS B 112 9.42 5.27 5.51
C HIS B 112 9.43 4.67 6.92
N PHE B 113 10.61 4.57 7.52
CA PHE B 113 10.77 4.06 8.88
C PHE B 113 10.11 4.98 9.91
N GLN B 114 10.26 6.30 9.72
CA GLN B 114 9.62 7.30 10.58
C GLN B 114 8.10 7.11 10.65
N ARG B 115 7.48 6.84 9.50
CA ARG B 115 6.03 6.62 9.40
C ARG B 115 5.60 5.29 10.01
N VAL B 116 6.41 4.25 9.82
CA VAL B 116 6.13 2.90 10.35
C VAL B 116 6.39 2.81 11.87
N ALA B 117 7.50 3.40 12.33
CA ALA B 117 7.94 3.27 13.73
C ALA B 117 7.00 3.87 14.78
N GLN B 118 6.18 4.86 14.39
CA GLN B 118 5.21 5.48 15.29
C GLN B 118 4.21 4.47 15.87
N LYS B 119 3.66 3.63 15.00
CA LYS B 119 2.70 2.59 15.40
C LYS B 119 3.36 1.42 16.14
N PHE B 120 4.62 1.11 15.80
CA PHE B 120 5.32 -0.07 16.35
C PHE B 120 6.57 0.30 17.16
N GLN B 121 6.34 0.66 18.43
CA GLN B 121 7.41 0.96 19.38
C GLN B 121 7.86 -0.30 20.11
N GLY B 122 9.10 -0.26 20.61
CA GLY B 122 9.62 -1.32 21.48
C GLY B 122 9.95 -2.65 20.81
N VAL B 123 10.29 -2.62 19.52
CA VAL B 123 10.68 -3.82 18.79
C VAL B 123 12.21 -3.90 18.83
N ARG B 124 12.71 -4.87 19.60
CA ARG B 124 14.16 -5.07 19.78
C ARG B 124 14.57 -6.50 19.40
N LEU B 125 15.88 -6.69 19.27
CA LEU B 125 16.47 -7.94 18.80
C LEU B 125 16.94 -8.76 19.99
N LEU B 126 16.55 -10.05 20.04
CA LEU B 126 16.92 -10.93 21.14
C LEU B 126 18.32 -11.53 20.93
N ARG B 127 19.01 -11.82 22.03
CA ARG B 127 20.33 -12.46 22.00
C ARG B 127 20.17 -13.94 22.37
N GLN B 128 19.97 -14.77 21.35
CA GLN B 128 19.63 -16.18 21.54
C GLN B 128 20.88 -17.07 21.59
N ASP B 129 20.68 -18.32 22.01
CA ASP B 129 21.75 -19.32 22.02
C ASP B 129 22.06 -19.74 20.57
N PRO B 130 23.35 -19.80 20.19
CA PRO B 130 23.71 -20.23 18.82
C PRO B 130 23.14 -21.58 18.41
N THR B 131 23.18 -22.56 19.30
CA THR B 131 22.63 -23.89 19.04
C THR B 131 21.12 -23.81 18.78
N GLU B 132 20.40 -23.14 19.67
CA GLU B 132 18.96 -22.94 19.52
C GLU B 132 18.62 -22.17 18.23
N CYS B 133 19.42 -21.15 17.92
CA CYS B 133 19.18 -20.31 16.74
C CYS B 133 19.50 -21.03 15.42
N LEU B 134 20.59 -21.80 15.41
CA LEU B 134 21.02 -22.53 14.20
C LEU B 134 19.95 -23.51 13.72
N PHE B 135 19.54 -24.41 14.62
CA PHE B 135 18.59 -25.48 14.27
C PHE B 135 17.14 -24.99 14.15
N SER B 136 16.79 -23.92 14.86
CA SER B 136 15.47 -23.30 14.70
C SER B 136 15.29 -22.65 13.33
N PHE B 137 16.33 -21.99 12.84
CA PHE B 137 16.28 -21.34 11.52
C PHE B 137 16.61 -22.26 10.33
N ILE B 138 17.07 -23.49 10.59
CA ILE B 138 17.03 -24.56 9.59
C ILE B 138 15.57 -24.97 9.36
N CYS B 139 14.78 -25.01 10.44
CA CYS B 139 13.35 -25.33 10.35
C CYS B 139 12.48 -24.22 9.70
N SER B 140 13.05 -23.02 9.50
CA SER B 140 12.34 -21.90 8.86
C SER B 140 12.38 -21.88 7.32
N SER B 141 13.07 -22.83 6.70
CA SER B 141 13.17 -22.91 5.24
C SER B 141 11.80 -23.14 4.59
N ASN B 142 11.32 -22.15 3.84
CA ASN B 142 10.00 -22.17 3.19
C ASN B 142 8.89 -22.40 4.22
N ASN B 143 8.61 -21.37 5.01
CA ASN B 143 7.70 -21.50 6.16
C ASN B 143 7.14 -20.17 6.66
N ASN B 144 6.10 -20.28 7.48
CA ASN B 144 5.53 -19.16 8.25
C ASN B 144 5.77 -19.41 9.75
N ILE B 145 5.41 -18.44 10.59
CA ILE B 145 5.73 -18.48 12.02
C ILE B 145 5.06 -19.67 12.75
N ALA B 146 3.78 -19.91 12.46
CA ALA B 146 3.00 -20.95 13.12
C ALA B 146 3.58 -22.36 12.93
N ARG B 147 3.99 -22.68 11.71
CA ARG B 147 4.54 -24.00 11.37
C ARG B 147 5.95 -24.25 11.93
N ILE B 148 6.76 -23.18 12.06
CA ILE B 148 8.11 -23.28 12.62
C ILE B 148 8.04 -23.55 14.13
N THR B 149 7.11 -22.87 14.80
CA THR B 149 6.82 -23.09 16.22
C THR B 149 6.49 -24.56 16.48
N GLY B 150 5.61 -25.13 15.64
CA GLY B 150 5.22 -26.54 15.74
C GLY B 150 6.36 -27.52 15.55
N MET B 151 7.16 -27.31 14.50
CA MET B 151 8.32 -28.17 14.21
C MET B 151 9.36 -28.14 15.33
N VAL B 152 9.69 -26.92 15.79
CA VAL B 152 10.66 -26.73 16.88
C VAL B 152 10.11 -27.25 18.21
N GLU B 153 8.81 -27.05 18.45
CA GLU B 153 8.13 -27.59 19.65
C GLU B 153 8.27 -29.11 19.71
N ARG B 154 7.87 -29.79 18.64
CA ARG B 154 7.97 -31.25 18.55
C ARG B 154 9.41 -31.76 18.54
N LEU B 155 10.32 -31.00 17.93
CA LEU B 155 11.75 -31.32 17.93
C LEU B 155 12.34 -31.30 19.35
N CYS B 156 11.98 -30.27 20.13
CA CYS B 156 12.38 -30.17 21.53
C CYS B 156 11.67 -31.21 22.39
N GLN B 157 10.37 -31.39 22.13
CA GLN B 157 9.55 -32.41 22.81
C GLN B 157 10.10 -33.83 22.61
N ALA B 158 10.60 -34.11 21.41
CA ALA B 158 11.11 -35.45 21.06
C ALA B 158 12.55 -35.71 21.49
N PHE B 159 13.43 -34.72 21.31
CA PHE B 159 14.88 -34.89 21.53
C PHE B 159 15.47 -34.17 22.74
N GLY B 160 14.69 -33.29 23.38
CA GLY B 160 15.19 -32.45 24.48
C GLY B 160 15.10 -33.08 25.86
N PRO B 161 15.82 -32.51 26.86
CA PRO B 161 15.59 -32.88 28.27
C PRO B 161 14.24 -32.36 28.79
N ARG B 162 13.47 -33.24 29.44
CA ARG B 162 12.19 -32.85 30.06
C ARG B 162 12.47 -31.99 31.30
N LEU B 163 11.87 -30.81 31.34
CA LEU B 163 12.09 -29.85 32.44
C LEU B 163 10.94 -29.92 33.45
N ILE B 164 9.75 -29.47 33.05
CA ILE B 164 8.59 -29.34 33.93
C ILE B 164 7.33 -29.12 33.08
N GLN B 165 6.17 -29.32 33.70
CA GLN B 165 4.87 -29.10 33.05
C GLN B 165 4.10 -28.03 33.81
N LEU B 166 3.35 -27.21 33.07
CA LEU B 166 2.43 -26.22 33.63
C LEU B 166 1.08 -26.38 32.93
N ASP B 167 0.05 -26.65 33.71
CA ASP B 167 -1.30 -26.99 33.20
C ASP B 167 -1.25 -28.21 32.24
N ASP B 168 -1.41 -27.98 30.93
CA ASP B 168 -1.45 -29.06 29.93
C ASP B 168 -0.34 -28.89 28.87
N VAL B 169 0.80 -28.35 29.31
CA VAL B 169 1.94 -28.05 28.44
C VAL B 169 3.23 -28.56 29.10
N THR B 170 3.82 -29.61 28.52
CA THR B 170 5.07 -30.18 29.02
C THR B 170 6.26 -29.53 28.31
N TYR B 171 6.94 -28.63 29.02
CA TYR B 171 8.08 -27.91 28.46
C TYR B 171 9.34 -28.78 28.41
N HIS B 172 10.14 -28.58 27.38
CA HIS B 172 11.41 -29.30 27.17
C HIS B 172 12.52 -28.31 26.89
N GLY B 173 13.73 -28.60 27.37
CA GLY B 173 14.92 -27.80 27.06
C GLY B 173 15.39 -28.09 25.66
N PHE B 174 16.08 -27.14 25.03
CA PHE B 174 16.53 -27.30 23.64
C PHE B 174 17.68 -28.32 23.60
N PRO B 175 17.62 -29.31 22.68
CA PRO B 175 18.62 -30.37 22.68
C PRO B 175 20.01 -29.94 22.22
N ASN B 176 21.04 -30.59 22.78
CA ASN B 176 22.43 -30.38 22.39
C ASN B 176 22.75 -31.14 21.09
N LEU B 177 24.00 -31.03 20.62
CA LEU B 177 24.42 -31.63 19.34
C LEU B 177 24.40 -33.17 19.33
N HIS B 178 24.78 -33.80 20.45
CA HIS B 178 24.73 -35.27 20.59
C HIS B 178 23.35 -35.86 20.34
N ALA B 179 22.31 -35.21 20.85
CA ALA B 179 20.93 -35.67 20.69
C ALA B 179 20.43 -35.61 19.24
N LEU B 180 20.81 -34.56 18.53
CA LEU B 180 20.39 -34.35 17.13
C LEU B 180 21.26 -35.12 16.13
N ALA B 181 22.50 -35.44 16.51
CA ALA B 181 23.43 -36.21 15.68
C ALA B 181 23.58 -37.63 16.23
N GLY B 182 22.56 -38.45 15.99
CA GLY B 182 22.48 -39.80 16.54
C GLY B 182 21.95 -40.82 15.53
N PRO B 183 20.99 -41.68 15.94
CA PRO B 183 20.57 -42.78 15.08
C PRO B 183 19.39 -42.42 14.15
N GLU B 184 18.16 -42.43 14.66
CA GLU B 184 16.96 -42.21 13.86
C GLU B 184 16.42 -40.81 14.11
N ALA B 185 17.29 -39.81 13.96
CA ALA B 185 16.91 -38.41 14.11
C ALA B 185 16.06 -37.98 12.94
N GLU B 186 16.55 -38.24 11.73
CA GLU B 186 15.86 -37.87 10.48
C GLU B 186 14.51 -38.57 10.35
N THR B 187 14.47 -39.87 10.64
CA THR B 187 13.23 -40.67 10.50
C THR B 187 12.14 -40.22 11.49
N HIS B 188 12.53 -39.93 12.73
CA HIS B 188 11.62 -39.40 13.75
C HIS B 188 11.14 -38.01 13.33
N LEU B 189 12.09 -37.11 13.08
CA LEU B 189 11.79 -35.73 12.67
C LEU B 189 10.94 -35.62 11.40
N ARG B 190 11.13 -36.55 10.46
CA ARG B 190 10.27 -36.64 9.26
C ARG B 190 8.82 -37.01 9.62
N LYS B 191 8.65 -37.88 10.62
CA LYS B 191 7.32 -38.20 11.16
C LYS B 191 6.68 -37.01 11.89
N LEU B 192 7.50 -36.18 12.54
CA LEU B 192 7.04 -34.96 13.20
C LEU B 192 6.55 -33.89 12.22
N GLY B 193 7.07 -33.91 10.99
CA GLY B 193 6.64 -33.00 9.91
C GLY B 193 7.70 -32.07 9.35
N LEU B 194 8.95 -32.20 9.79
CA LEU B 194 10.06 -31.36 9.29
C LEU B 194 10.32 -31.57 7.79
N GLY B 195 10.18 -32.81 7.32
CA GLY B 195 10.35 -33.14 5.91
C GLY B 195 11.82 -33.13 5.52
N TYR B 196 12.15 -32.35 4.49
CA TYR B 196 13.54 -32.21 4.01
C TYR B 196 14.46 -31.54 5.03
N ARG B 197 13.87 -30.70 5.88
CA ARG B 197 14.60 -29.98 6.93
C ARG B 197 15.21 -30.94 7.97
N ALA B 198 14.51 -32.04 8.23
CA ALA B 198 14.99 -33.11 9.14
C ALA B 198 16.37 -33.66 8.76
N ARG B 199 16.62 -33.79 7.45
CA ARG B 199 17.93 -34.19 6.95
C ARG B 199 19.01 -33.17 7.29
N TYR B 200 18.69 -31.88 7.14
CA TYR B 200 19.62 -30.79 7.44
C TYR B 200 19.94 -30.63 8.93
N VAL B 201 18.96 -30.91 9.79
CA VAL B 201 19.14 -30.82 11.24
C VAL B 201 20.19 -31.84 11.71
N ARG B 202 20.00 -33.10 11.30
CA ARG B 202 20.92 -34.18 11.65
C ARG B 202 22.29 -34.03 10.98
N ALA B 203 22.30 -33.58 9.73
CA ALA B 203 23.54 -33.39 8.96
C ALA B 203 24.40 -32.25 9.55
N SER B 204 23.77 -31.14 9.89
CA SER B 204 24.46 -29.99 10.50
C SER B 204 24.97 -30.31 11.90
N ALA B 205 24.14 -30.97 12.71
CA ALA B 205 24.52 -31.40 14.04
C ALA B 205 25.71 -32.36 14.03
N LYS B 206 25.68 -33.34 13.12
CA LYS B 206 26.76 -34.31 12.95
C LYS B 206 28.05 -33.69 12.41
N ALA B 207 27.92 -32.69 11.56
CA ALA B 207 29.08 -31.98 10.98
C ALA B 207 29.84 -31.13 12.02
N ILE B 208 29.11 -30.47 12.91
CA ILE B 208 29.69 -29.60 13.94
C ILE B 208 30.52 -30.41 14.96
N LEU B 209 30.02 -31.57 15.35
CA LEU B 209 30.73 -32.47 16.28
C LEU B 209 32.02 -33.03 15.68
N GLU B 210 31.92 -33.55 14.45
CA GLU B 210 33.04 -34.25 13.80
C GLU B 210 34.14 -33.29 13.32
N GLU B 211 33.91 -32.58 12.21
CA GLU B 211 34.98 -31.87 11.49
C GLU B 211 35.15 -30.37 11.83
N GLN B 212 34.29 -29.82 12.71
CA GLN B 212 34.47 -28.45 13.21
C GLN B 212 35.10 -28.46 14.60
N GLY B 213 34.54 -29.25 15.51
CA GLY B 213 35.13 -29.51 16.83
C GLY B 213 34.24 -29.14 18.01
N GLY B 214 33.13 -29.85 18.16
CA GLY B 214 32.23 -29.70 19.32
C GLY B 214 31.38 -28.44 19.31
N PRO B 215 30.63 -28.20 20.41
CA PRO B 215 29.79 -27.00 20.52
C PRO B 215 30.55 -25.68 20.80
N ALA B 216 31.86 -25.76 21.08
CA ALA B 216 32.70 -24.57 21.22
C ALA B 216 32.93 -23.80 19.91
N TRP B 217 32.75 -24.48 18.77
CA TRP B 217 32.90 -23.85 17.44
C TRP B 217 31.90 -22.72 17.20
N LEU B 218 30.65 -22.90 17.62
CA LEU B 218 29.63 -21.85 17.54
C LEU B 218 29.94 -20.66 18.46
N GLN B 219 30.52 -20.94 19.62
CA GLN B 219 30.94 -19.89 20.56
C GLN B 219 32.08 -19.02 20.03
N GLN B 220 32.95 -19.59 19.18
CA GLN B 220 34.07 -18.82 18.59
C GLN B 220 33.58 -17.87 17.49
N LEU B 221 32.48 -18.22 16.82
CA LEU B 221 31.87 -17.35 15.79
C LEU B 221 31.17 -16.12 16.39
N ARG B 222 30.77 -16.21 17.67
CA ARG B 222 30.21 -15.07 18.41
C ARG B 222 31.22 -13.92 18.58
N VAL B 223 32.50 -14.23 18.63
CA VAL B 223 33.57 -13.21 18.68
C VAL B 223 34.24 -12.92 17.33
N ALA B 224 34.23 -13.91 16.42
CA ALA B 224 34.85 -13.78 15.10
C ALA B 224 34.15 -12.71 14.24
N PRO B 225 34.84 -12.16 13.21
CA PRO B 225 34.21 -11.12 12.39
C PRO B 225 33.02 -11.63 11.57
N TYR B 226 32.08 -10.74 11.27
CA TYR B 226 30.84 -11.05 10.54
C TYR B 226 31.07 -11.81 9.23
N GLU B 227 32.10 -11.42 8.48
CA GLU B 227 32.41 -12.05 7.19
C GLU B 227 32.94 -13.49 7.34
N GLU B 228 33.81 -13.70 8.32
CA GLU B 228 34.34 -15.04 8.62
C GLU B 228 33.29 -15.97 9.23
N ALA B 229 32.40 -15.42 10.06
CA ALA B 229 31.34 -16.20 10.71
C ALA B 229 30.28 -16.67 9.71
N HIS B 230 29.82 -15.77 8.84
CA HIS B 230 28.81 -16.07 7.82
C HIS B 230 29.30 -17.09 6.79
N LYS B 231 30.55 -16.94 6.36
CA LYS B 231 31.23 -17.89 5.47
C LYS B 231 31.34 -19.29 6.09
N ALA B 232 31.64 -19.34 7.38
CA ALA B 232 31.76 -20.62 8.12
C ALA B 232 30.42 -21.34 8.28
N LEU B 233 29.36 -20.59 8.56
CA LEU B 233 28.00 -21.14 8.68
C LEU B 233 27.48 -21.78 7.39
N CYS B 234 27.86 -21.22 6.24
CA CYS B 234 27.40 -21.72 4.93
C CYS B 234 27.88 -23.14 4.58
N THR B 235 29.00 -23.57 5.16
CA THR B 235 29.52 -24.93 4.95
C THR B 235 28.65 -26.03 5.58
N LEU B 236 27.79 -25.66 6.55
CA LEU B 236 26.84 -26.60 7.14
C LEU B 236 25.74 -26.95 6.13
N PRO B 237 25.34 -28.23 6.05
CA PRO B 237 24.23 -28.60 5.14
C PRO B 237 22.89 -27.99 5.55
N GLY B 238 22.22 -27.32 4.60
CA GLY B 238 20.95 -26.64 4.86
C GLY B 238 21.05 -25.25 5.47
N VAL B 239 22.24 -24.68 5.46
CA VAL B 239 22.47 -23.31 5.94
C VAL B 239 22.99 -22.51 4.73
N GLY B 240 22.11 -21.69 4.17
CA GLY B 240 22.46 -20.81 3.05
C GLY B 240 22.83 -19.42 3.54
N ALA B 241 22.65 -18.44 2.66
CA ALA B 241 22.94 -17.04 2.98
C ALA B 241 21.98 -16.48 4.02
N LYS B 242 20.69 -16.80 3.88
CA LYS B 242 19.65 -16.22 4.73
C LYS B 242 19.64 -16.79 6.15
N VAL B 243 19.82 -18.11 6.26
CA VAL B 243 19.87 -18.78 7.57
C VAL B 243 21.12 -18.36 8.34
N ALA B 244 22.24 -18.21 7.64
CA ALA B 244 23.49 -17.74 8.25
C ALA B 244 23.38 -16.30 8.79
N ASP B 245 22.72 -15.43 8.04
CA ASP B 245 22.46 -14.05 8.47
C ASP B 245 21.55 -13.98 9.70
N CYS B 246 20.52 -14.82 9.72
CA CYS B 246 19.65 -14.96 10.90
C CYS B 246 20.46 -15.35 12.13
N ILE B 247 21.33 -16.34 11.98
CA ILE B 247 22.20 -16.81 13.05
C ILE B 247 23.18 -15.72 13.47
N CYS B 248 23.84 -15.09 12.50
CA CYS B 248 24.75 -13.97 12.75
C CYS B 248 24.09 -12.83 13.51
N LEU B 249 22.88 -12.47 13.10
CA LEU B 249 22.14 -11.36 13.73
C LEU B 249 21.63 -11.70 15.13
N MET B 250 20.95 -12.83 15.26
CA MET B 250 20.17 -13.16 16.44
C MET B 250 20.89 -13.99 17.51
N ALA B 251 22.08 -14.48 17.19
CA ALA B 251 22.89 -15.28 18.14
C ALA B 251 24.35 -14.85 18.27
N LEU B 252 25.01 -14.57 17.14
CA LEU B 252 26.46 -14.28 17.12
C LEU B 252 26.80 -12.78 17.26
N ASP B 253 25.85 -11.95 17.67
CA ASP B 253 26.08 -10.52 17.94
C ASP B 253 26.69 -9.77 16.74
N LYS B 254 26.07 -9.92 15.58
CA LYS B 254 26.41 -9.15 14.38
C LYS B 254 25.17 -8.31 14.00
N PRO B 255 24.99 -7.13 14.65
CA PRO B 255 23.78 -6.34 14.39
C PRO B 255 23.63 -5.83 12.95
N GLN B 256 24.75 -5.69 12.24
CA GLN B 256 24.76 -5.27 10.83
C GLN B 256 24.24 -6.32 9.83
N ALA B 257 24.06 -7.57 10.25
CA ALA B 257 23.62 -8.65 9.36
C ALA B 257 22.14 -8.49 8.95
N VAL B 258 21.88 -8.63 7.65
CA VAL B 258 20.56 -8.42 7.05
C VAL B 258 20.15 -9.71 6.32
N PRO B 259 19.31 -10.54 6.95
CA PRO B 259 18.77 -11.74 6.29
C PRO B 259 17.86 -11.41 5.10
N VAL B 260 18.24 -11.91 3.92
CA VAL B 260 17.56 -11.57 2.67
C VAL B 260 16.76 -12.75 2.12
N ASP B 261 15.43 -12.63 2.22
CA ASP B 261 14.48 -13.57 1.62
C ASP B 261 13.43 -12.79 0.82
N VAL B 262 12.35 -13.45 0.40
CA VAL B 262 11.26 -12.77 -0.31
C VAL B 262 10.58 -11.63 0.46
N HIS B 263 10.58 -11.70 1.80
CA HIS B 263 9.92 -10.70 2.64
C HIS B 263 10.59 -9.32 2.59
N VAL B 264 11.91 -9.29 2.73
CA VAL B 264 12.67 -8.03 2.63
C VAL B 264 12.77 -7.55 1.19
N TRP B 265 12.86 -8.50 0.24
CA TRP B 265 12.75 -8.19 -1.20
C TRP B 265 11.47 -7.44 -1.54
N GLN B 266 10.36 -7.91 -0.97
CA GLN B 266 9.05 -7.28 -1.12
C GLN B 266 9.04 -5.86 -0.55
N ILE B 267 9.56 -5.71 0.67
CA ILE B 267 9.65 -4.41 1.36
C ILE B 267 10.56 -3.45 0.60
N ALA B 268 11.73 -3.94 0.18
CA ALA B 268 12.74 -3.11 -0.48
C ALA B 268 12.26 -2.57 -1.82
N HIS B 269 11.63 -3.44 -2.60
CA HIS B 269 11.07 -3.06 -3.89
C HIS B 269 9.89 -2.10 -3.74
N ARG B 270 8.90 -2.51 -2.94
CA ARG B 270 7.66 -1.74 -2.76
C ARG B 270 7.89 -0.38 -2.09
N ASP B 271 8.53 -0.39 -0.92
CA ASP B 271 8.65 0.82 -0.08
C ASP B 271 9.87 1.71 -0.38
N TYR B 272 10.89 1.16 -1.04
CA TYR B 272 12.11 1.91 -1.36
C TYR B 272 12.43 2.01 -2.87
N GLY B 273 11.62 1.38 -3.71
CA GLY B 273 11.84 1.41 -5.16
C GLY B 273 13.12 0.73 -5.63
N TRP B 274 13.57 -0.28 -4.89
CA TRP B 274 14.88 -0.89 -5.10
C TRP B 274 14.85 -2.01 -6.15
N HIS B 275 15.93 -2.09 -6.93
CA HIS B 275 16.19 -3.20 -7.86
C HIS B 275 17.67 -3.55 -7.85
N PRO B 276 18.02 -4.78 -8.26
CA PRO B 276 19.42 -5.19 -8.36
C PRO B 276 20.06 -4.79 -9.70
N LYS B 277 21.37 -4.52 -9.67
CA LYS B 277 22.16 -4.32 -10.89
C LYS B 277 22.37 -5.66 -11.62
N THR B 278 21.73 -5.82 -12.77
CA THR B 278 21.84 -7.01 -13.63
C THR B 278 21.36 -8.30 -12.93
N ALA B 281 17.00 -13.67 -13.35
CA ALA B 281 17.28 -12.65 -14.36
C ALA B 281 17.31 -11.26 -13.74
N LYS B 282 16.17 -10.85 -13.18
CA LYS B 282 16.04 -9.57 -12.46
C LYS B 282 15.25 -9.75 -11.15
N GLY B 283 15.39 -10.92 -10.53
CA GLY B 283 14.69 -11.28 -9.29
C GLY B 283 15.67 -11.83 -8.25
N PRO B 284 15.16 -12.60 -7.26
CA PRO B 284 16.01 -13.24 -6.25
C PRO B 284 17.11 -14.13 -6.84
N SER B 285 18.36 -13.83 -6.49
CA SER B 285 19.54 -14.57 -6.95
C SER B 285 20.66 -14.44 -5.89
N PRO B 286 21.73 -15.27 -5.98
CA PRO B 286 22.79 -15.21 -4.97
C PRO B 286 23.46 -13.83 -4.81
N LEU B 287 23.81 -13.20 -5.93
CA LEU B 287 24.48 -11.89 -5.93
C LEU B 287 23.52 -10.74 -5.59
N ALA B 288 22.29 -10.82 -6.08
CA ALA B 288 21.28 -9.80 -5.81
C ALA B 288 20.87 -9.75 -4.34
N ASN B 289 20.70 -10.92 -3.72
CA ASN B 289 20.42 -11.02 -2.27
C ASN B 289 21.52 -10.36 -1.43
N LYS B 290 22.77 -10.66 -1.81
CA LYS B 290 23.95 -10.07 -1.15
C LYS B 290 23.99 -8.55 -1.31
N GLU B 291 23.65 -8.07 -2.50
CA GLU B 291 23.56 -6.63 -2.79
C GLU B 291 22.50 -5.93 -1.93
N LEU B 292 21.35 -6.57 -1.76
CA LEU B 292 20.26 -6.01 -0.97
C LEU B 292 20.60 -5.89 0.51
N GLY B 293 21.38 -6.84 1.04
CA GLY B 293 21.90 -6.75 2.39
C GLY B 293 22.78 -5.52 2.60
N ASN B 294 23.62 -5.23 1.61
CA ASN B 294 24.50 -4.05 1.62
C ASN B 294 23.69 -2.75 1.54
N PHE B 295 22.63 -2.74 0.72
CA PHE B 295 21.75 -1.58 0.56
C PHE B 295 21.18 -1.09 1.89
N PHE B 296 20.61 -2.01 2.67
CA PHE B 296 20.07 -1.67 3.99
C PHE B 296 21.15 -1.38 5.04
N ARG B 297 22.34 -1.97 4.87
CA ARG B 297 23.52 -1.57 5.66
C ARG B 297 23.94 -0.14 5.34
N ASN B 298 23.94 0.22 4.05
CA ASN B 298 24.25 1.61 3.64
C ASN B 298 23.20 2.59 4.16
N LEU B 299 21.93 2.18 4.15
CA LEU B 299 20.83 3.02 4.62
C LEU B 299 20.84 3.17 6.15
N TRP B 300 20.69 2.06 6.85
CA TRP B 300 20.46 2.08 8.30
C TRP B 300 21.74 2.06 9.16
N GLY B 301 22.82 1.46 8.64
CA GLY B 301 24.13 1.51 9.30
C GLY B 301 24.47 0.23 10.05
N PRO B 302 25.20 0.34 11.18
CA PRO B 302 25.72 -0.86 11.87
C PRO B 302 24.68 -1.74 12.58
N TYR B 303 23.47 -1.23 12.83
CA TYR B 303 22.37 -2.02 13.40
C TYR B 303 21.25 -2.19 12.36
N ALA B 304 21.62 -2.56 11.13
CA ALA B 304 20.67 -2.74 10.03
C ALA B 304 19.69 -3.89 10.29
N GLY B 305 20.21 -4.98 10.84
CA GLY B 305 19.38 -6.13 11.22
C GLY B 305 18.31 -5.83 12.26
N TRP B 306 18.62 -4.93 13.18
CA TRP B 306 17.67 -4.48 14.20
C TRP B 306 16.55 -3.65 13.58
N ALA B 307 16.91 -2.79 12.63
CA ALA B 307 15.93 -2.00 11.87
C ALA B 307 14.99 -2.89 11.05
N GLN B 308 15.54 -3.95 10.46
CA GLN B 308 14.75 -4.94 9.72
C GLN B 308 13.71 -5.63 10.60
N ALA B 309 14.06 -5.89 11.86
CA ALA B 309 13.13 -6.50 12.83
C ALA B 309 11.89 -5.64 13.10
N VAL B 310 12.04 -4.32 13.02
CA VAL B 310 10.92 -3.39 13.22
C VAL B 310 9.93 -3.49 12.06
N LEU B 311 10.46 -3.51 10.84
CA LEU B 311 9.64 -3.68 9.62
C LEU B 311 9.04 -5.08 9.50
N PHE B 312 9.76 -6.10 9.99
CA PHE B 312 9.26 -7.49 9.98
C PHE B 312 8.05 -7.69 10.88
N SER B 313 8.12 -7.19 12.11
CA SER B 313 6.99 -7.25 13.06
C SER B 313 5.82 -6.37 12.62
N ALA B 314 6.13 -5.23 11.99
CA ALA B 314 5.11 -4.32 11.46
C ALA B 314 4.30 -4.91 10.31
N ASP B 315 4.97 -5.69 9.44
CA ASP B 315 4.33 -6.36 8.31
C ASP B 315 3.31 -7.43 8.75
N LEU B 316 3.59 -8.08 9.88
CA LEU B 316 2.71 -9.12 10.43
C LEU B 316 1.39 -8.58 10.99
N ARG B 317 1.42 -7.38 11.58
CA ARG B 317 0.26 -6.77 12.22
C ARG B 317 0.05 -5.35 11.72
N GLY C 1 0.30 51.54 20.62
CA GLY C 1 -1.09 51.02 20.47
C GLY C 1 -1.36 49.78 21.30
N SER C 2 -2.62 49.34 21.30
CA SER C 2 -3.04 48.14 22.05
C SER C 2 -2.46 46.86 21.46
N HIS C 3 -2.44 45.81 22.28
CA HIS C 3 -2.02 44.48 21.85
C HIS C 3 -3.04 43.89 20.87
N MET C 4 -2.62 43.71 19.62
CA MET C 4 -3.47 43.12 18.58
C MET C 4 -3.34 41.60 18.60
N ARG C 5 -4.47 40.92 18.40
CA ARG C 5 -4.52 39.45 18.38
C ARG C 5 -5.01 38.95 17.02
N HIS C 6 -4.81 37.65 16.78
CA HIS C 6 -5.34 36.99 15.59
C HIS C 6 -6.87 36.94 15.66
N ARG C 7 -7.52 37.40 14.61
CA ARG C 7 -8.98 37.46 14.55
C ARG C 7 -9.54 36.11 14.10
N THR C 8 -10.58 35.65 14.80
CA THR C 8 -11.42 34.55 14.32
C THR C 8 -12.63 35.16 13.60
N LEU C 9 -13.47 34.30 13.05
CA LEU C 9 -14.65 34.73 12.28
C LEU C 9 -15.76 35.20 13.22
N SER C 10 -15.78 34.65 14.43
CA SER C 10 -16.75 35.04 15.46
C SER C 10 -16.28 36.19 16.36
N SER C 11 -14.96 36.41 16.45
CA SER C 11 -14.39 37.43 17.34
C SER C 11 -14.63 38.86 16.86
N SER C 12 -14.26 39.15 15.61
CA SER C 12 -14.32 40.51 15.05
C SER C 12 -15.00 40.52 13.67
N PRO C 13 -16.32 40.23 13.61
CA PRO C 13 -17.02 39.97 12.35
C PRO C 13 -17.11 41.13 11.36
N ALA C 14 -17.00 42.37 11.84
CA ALA C 14 -17.02 43.56 10.98
C ALA C 14 -15.87 43.63 9.98
N LEU C 15 -14.72 43.05 10.35
CA LEU C 15 -13.48 43.12 9.56
C LEU C 15 -13.27 41.95 8.58
N TRP C 16 -14.33 41.18 8.29
CA TRP C 16 -14.23 40.01 7.39
C TRP C 16 -15.03 40.21 6.10
N ALA C 17 -14.38 39.90 4.98
CA ALA C 17 -15.03 39.84 3.67
C ALA C 17 -15.06 38.40 3.19
N SER C 18 -16.07 38.05 2.39
CA SER C 18 -16.24 36.70 1.87
C SER C 18 -16.12 36.66 0.34
N ILE C 19 -15.65 35.52 -0.17
CA ILE C 19 -15.66 35.20 -1.60
C ILE C 19 -16.46 33.90 -1.74
N PRO C 20 -17.45 33.85 -2.65
CA PRO C 20 -18.22 32.62 -2.84
C PRO C 20 -17.37 31.49 -3.43
N CYS C 21 -17.10 30.48 -2.62
CA CYS C 21 -16.17 29.40 -2.98
C CYS C 21 -16.57 28.10 -2.26
N PRO C 22 -16.94 27.05 -3.02
CA PRO C 22 -17.23 25.75 -2.37
C PRO C 22 -15.99 25.11 -1.74
N ARG C 23 -16.21 24.26 -0.73
CA ARG C 23 -15.09 23.56 -0.06
C ARG C 23 -14.50 22.45 -0.94
N SER C 24 -15.28 21.93 -1.89
CA SER C 24 -14.78 20.99 -2.90
C SER C 24 -13.83 21.63 -3.91
N GLU C 25 -13.95 22.94 -4.12
CA GLU C 25 -13.01 23.71 -4.95
C GLU C 25 -11.70 24.07 -4.23
N LEU C 26 -11.77 24.27 -2.91
CA LEU C 26 -10.61 24.66 -2.11
C LEU C 26 -10.75 24.20 -0.66
N ARG C 27 -9.74 23.49 -0.17
CA ARG C 27 -9.60 23.18 1.25
C ARG C 27 -8.28 23.78 1.74
N LEU C 28 -8.38 24.78 2.61
CA LEU C 28 -7.23 25.53 3.12
C LEU C 28 -6.24 24.65 3.88
N ASP C 29 -6.77 23.72 4.68
CA ASP C 29 -5.94 22.81 5.48
C ASP C 29 -5.13 21.80 4.65
N LEU C 30 -5.55 21.55 3.40
CA LEU C 30 -4.81 20.66 2.48
C LEU C 30 -3.89 21.39 1.48
N VAL C 31 -4.07 22.69 1.32
CA VAL C 31 -3.29 23.49 0.36
C VAL C 31 -2.16 24.30 1.02
N LEU C 32 -2.45 24.94 2.15
CA LEU C 32 -1.54 25.91 2.75
C LEU C 32 -0.31 25.29 3.44
N ALA C 33 -0.44 24.07 3.95
CA ALA C 33 0.70 23.32 4.53
C ALA C 33 1.05 22.10 3.66
N SER C 34 1.02 22.27 2.33
CA SER C 34 1.21 21.19 1.38
C SER C 34 2.58 21.23 0.67
N GLY C 35 3.50 22.06 1.17
CA GLY C 35 4.80 22.25 0.53
C GLY C 35 4.76 23.06 -0.76
N GLN C 36 3.83 24.01 -0.84
CA GLN C 36 3.78 24.97 -1.95
C GLN C 36 4.36 26.29 -1.46
N SER C 37 3.74 26.86 -0.42
CA SER C 37 4.26 28.03 0.28
C SER C 37 4.38 27.68 1.77
N PHE C 38 5.37 28.26 2.43
CA PHE C 38 5.73 27.90 3.80
C PHE C 38 5.52 29.09 4.75
N ARG C 39 4.51 29.91 4.45
CA ARG C 39 4.24 31.14 5.18
C ARG C 39 2.92 31.11 5.97
N TRP C 40 2.18 30.01 5.91
CA TRP C 40 0.88 29.87 6.55
C TRP C 40 0.96 28.92 7.74
N LYS C 41 0.56 29.41 8.92
CA LYS C 41 0.39 28.59 10.11
C LYS C 41 -1.06 28.67 10.59
N GLU C 42 -1.56 27.56 11.13
CA GLU C 42 -2.89 27.50 11.73
C GLU C 42 -2.79 27.92 13.19
N GLN C 43 -2.92 29.23 13.44
CA GLN C 43 -2.71 29.82 14.76
C GLN C 43 -3.83 29.47 15.75
N SER C 44 -5.08 29.51 15.28
CA SER C 44 -6.22 28.95 16.00
C SER C 44 -6.91 27.95 15.08
N PRO C 45 -7.71 27.01 15.64
CA PRO C 45 -8.36 25.97 14.82
C PRO C 45 -9.14 26.50 13.61
N ALA C 46 -8.86 25.93 12.44
CA ALA C 46 -9.51 26.29 11.16
C ALA C 46 -9.31 27.74 10.73
N HIS C 47 -8.20 28.36 11.13
CA HIS C 47 -7.90 29.77 10.84
C HIS C 47 -6.43 29.96 10.51
N TRP C 48 -6.13 30.12 9.22
CA TRP C 48 -4.76 30.11 8.70
C TRP C 48 -4.28 31.53 8.45
N SER C 49 -3.20 31.92 9.13
CA SER C 49 -2.64 33.28 9.04
C SER C 49 -1.25 33.27 8.40
N GLY C 50 -0.98 34.27 7.57
CA GLY C 50 0.31 34.37 6.88
C GLY C 50 0.47 35.62 6.05
N VAL C 51 1.69 35.87 5.60
CA VAL C 51 2.03 37.07 4.83
C VAL C 51 1.78 36.83 3.34
N LEU C 52 1.16 37.80 2.67
CA LEU C 52 0.88 37.74 1.23
C LEU C 52 1.06 39.12 0.60
N ALA C 53 2.21 39.33 -0.06
CA ALA C 53 2.58 40.60 -0.69
C ALA C 53 2.69 41.74 0.34
N ASP C 54 3.54 41.54 1.34
CA ASP C 54 3.76 42.49 2.44
C ASP C 54 2.47 42.90 3.19
N GLN C 55 1.59 41.92 3.40
CA GLN C 55 0.34 42.10 4.15
C GLN C 55 -0.03 40.79 4.83
N VAL C 56 -0.32 40.83 6.12
CA VAL C 56 -0.77 39.65 6.86
C VAL C 56 -2.26 39.44 6.60
N TRP C 57 -2.66 38.19 6.38
CA TRP C 57 -4.06 37.79 6.26
C TRP C 57 -4.40 36.73 7.30
N THR C 58 -5.69 36.49 7.52
CA THR C 58 -6.17 35.29 8.21
C THR C 58 -7.36 34.74 7.41
N LEU C 59 -7.23 33.49 6.95
CA LEU C 59 -8.23 32.86 6.11
C LEU C 59 -8.95 31.74 6.86
N THR C 60 -10.25 31.62 6.63
CA THR C 60 -11.05 30.49 7.10
C THR C 60 -12.17 30.23 6.09
N GLN C 61 -12.96 29.19 6.33
CA GLN C 61 -14.02 28.82 5.38
C GLN C 61 -15.17 28.06 6.02
N THR C 62 -16.30 28.07 5.31
CA THR C 62 -17.45 27.21 5.57
C THR C 62 -17.58 26.30 4.33
N GLU C 63 -18.70 25.58 4.21
CA GLU C 63 -18.96 24.75 3.01
C GLU C 63 -19.06 25.58 1.73
N ASP C 64 -19.66 26.76 1.82
CA ASP C 64 -20.02 27.58 0.65
C ASP C 64 -19.27 28.90 0.47
N GLN C 65 -18.51 29.35 1.48
CA GLN C 65 -17.85 30.66 1.45
C GLN C 65 -16.39 30.61 1.93
N LEU C 66 -15.55 31.44 1.30
CA LEU C 66 -14.16 31.65 1.72
C LEU C 66 -14.06 33.02 2.40
N TYR C 67 -14.06 33.03 3.73
CA TYR C 67 -13.96 34.27 4.51
C TYR C 67 -12.50 34.65 4.69
N CYS C 68 -12.21 35.96 4.59
CA CYS C 68 -10.84 36.47 4.68
C CYS C 68 -10.79 37.85 5.34
N THR C 69 -9.72 38.10 6.09
CA THR C 69 -9.46 39.40 6.73
C THR C 69 -8.00 39.82 6.53
N VAL C 70 -7.74 41.12 6.66
CA VAL C 70 -6.40 41.70 6.45
C VAL C 70 -6.03 42.61 7.62
N TYR C 71 -4.74 42.60 7.99
CA TYR C 71 -4.22 43.39 9.10
C TYR C 71 -3.32 44.50 8.53
N ARG C 72 -3.40 45.69 9.14
CA ARG C 72 -2.75 46.90 8.63
C ARG C 72 -1.92 47.57 9.73
N VAL C 78 -8.83 50.63 10.89
CA VAL C 78 -9.05 49.23 10.56
C VAL C 78 -10.39 49.04 9.83
N SER C 79 -10.41 48.13 8.86
CA SER C 79 -11.59 47.89 8.02
C SER C 79 -11.52 46.54 7.29
N ARG C 80 -12.55 46.25 6.49
CA ARG C 80 -12.57 45.06 5.62
C ARG C 80 -11.49 45.13 4.52
N PRO C 81 -11.23 43.98 3.85
CA PRO C 81 -10.46 44.02 2.61
C PRO C 81 -11.19 44.78 1.50
N THR C 82 -10.43 45.49 0.65
CA THR C 82 -11.01 46.22 -0.48
C THR C 82 -11.38 45.26 -1.61
N LEU C 83 -12.02 45.77 -2.65
CA LEU C 83 -12.32 44.98 -3.85
C LEU C 83 -11.05 44.55 -4.58
N GLU C 84 -10.04 45.41 -4.58
CA GLU C 84 -8.73 45.11 -5.18
C GLU C 84 -7.95 44.05 -4.39
N GLU C 85 -8.02 44.12 -3.06
CA GLU C 85 -7.39 43.11 -2.18
C GLU C 85 -8.03 41.73 -2.28
N LEU C 86 -9.33 41.68 -2.57
CA LEU C 86 -10.02 40.40 -2.82
C LEU C 86 -9.63 39.79 -4.18
N GLU C 87 -9.41 40.64 -5.18
CA GLU C 87 -8.90 40.21 -6.50
C GLU C 87 -7.50 39.59 -6.40
N THR C 88 -6.65 40.14 -5.51
CA THR C 88 -5.35 39.54 -5.19
C THR C 88 -5.51 38.13 -4.63
N LEU C 89 -6.44 37.98 -3.69
CA LEU C 89 -6.73 36.69 -3.07
C LEU C 89 -7.41 35.71 -4.04
N HIS C 90 -8.23 36.24 -4.95
CA HIS C 90 -8.87 35.45 -6.00
C HIS C 90 -7.84 34.88 -6.98
N LYS C 91 -6.85 35.70 -7.35
CA LYS C 91 -5.74 35.28 -8.21
C LYS C 91 -4.75 34.35 -7.50
N TYR C 92 -4.53 34.56 -6.20
CA TYR C 92 -3.64 33.73 -5.39
C TYR C 92 -4.08 32.26 -5.34
N PHE C 93 -5.40 32.04 -5.22
CA PHE C 93 -5.97 30.69 -5.26
C PHE C 93 -6.43 30.26 -6.67
N GLN C 94 -6.29 31.14 -7.67
CA GLN C 94 -6.62 30.83 -9.07
C GLN C 94 -8.02 30.26 -9.24
N LEU C 95 -8.98 30.95 -8.63
CA LEU C 95 -10.38 30.46 -8.54
C LEU C 95 -11.17 30.50 -9.87
N ASP C 96 -10.60 31.14 -10.89
CA ASP C 96 -11.12 31.02 -12.27
C ASP C 96 -11.05 29.58 -12.79
N VAL C 97 -10.02 28.84 -12.39
CA VAL C 97 -9.82 27.44 -12.81
C VAL C 97 -10.78 26.54 -12.06
N SER C 98 -11.59 25.77 -12.79
CA SER C 98 -12.53 24.82 -12.21
C SER C 98 -11.81 23.52 -11.84
N LEU C 99 -11.75 23.22 -10.55
CA LEU C 99 -11.07 22.02 -10.04
C LEU C 99 -11.90 20.75 -10.24
N ALA C 100 -13.23 20.86 -10.19
CA ALA C 100 -14.13 19.73 -10.42
C ALA C 100 -14.02 19.14 -11.83
N GLN C 101 -13.81 20.02 -12.82
CA GLN C 101 -13.53 19.61 -14.20
C GLN C 101 -12.21 18.83 -14.31
N LEU C 102 -11.18 19.32 -13.61
CA LEU C 102 -9.87 18.69 -13.58
C LEU C 102 -9.89 17.35 -12.85
N TYR C 103 -10.48 17.33 -11.64
CA TYR C 103 -10.70 16.10 -10.87
C TYR C 103 -11.47 15.03 -11.67
N SER C 104 -12.48 15.48 -12.42
CA SER C 104 -13.24 14.59 -13.32
C SER C 104 -12.36 14.03 -14.45
N HIS C 105 -11.56 14.90 -15.06
CA HIS C 105 -10.65 14.50 -16.13
C HIS C 105 -9.55 13.55 -15.66
N TRP C 106 -8.96 13.85 -14.51
CA TRP C 106 -7.88 13.01 -13.95
C TRP C 106 -8.39 11.66 -13.46
N ALA C 107 -9.55 11.64 -12.80
CA ALA C 107 -10.15 10.39 -12.31
C ALA C 107 -10.61 9.44 -13.42
N SER C 108 -10.91 9.97 -14.60
CA SER C 108 -11.29 9.15 -15.77
C SER C 108 -10.09 8.43 -16.38
N VAL C 109 -8.99 9.15 -16.58
CA VAL C 109 -7.76 8.57 -17.17
C VAL C 109 -6.86 7.83 -16.15
N ASP C 110 -7.06 8.10 -14.85
CA ASP C 110 -6.22 7.53 -13.79
C ASP C 110 -7.09 6.94 -12.68
N SER C 111 -7.05 5.61 -12.53
CA SER C 111 -7.85 4.91 -11.52
C SER C 111 -7.30 5.09 -10.10
N HIS C 112 -6.00 5.36 -9.98
CA HIS C 112 -5.38 5.65 -8.68
C HIS C 112 -5.87 6.99 -8.12
N PHE C 113 -5.94 8.00 -8.98
CA PHE C 113 -6.42 9.33 -8.59
C PHE C 113 -7.86 9.30 -8.12
N GLN C 114 -8.71 8.55 -8.82
CA GLN C 114 -10.12 8.37 -8.44
C GLN C 114 -10.27 7.92 -6.98
N ARG C 115 -9.44 6.97 -6.56
CA ARG C 115 -9.42 6.46 -5.18
C ARG C 115 -8.81 7.46 -4.19
N VAL C 116 -7.71 8.11 -4.59
CA VAL C 116 -7.01 9.07 -3.73
C VAL C 116 -7.79 10.38 -3.55
N ALA C 117 -8.48 10.83 -4.60
CA ALA C 117 -9.16 12.13 -4.60
C ALA C 117 -10.60 12.14 -4.02
N GLN C 118 -10.88 11.24 -3.08
CA GLN C 118 -12.16 11.20 -2.36
C GLN C 118 -12.01 11.85 -0.98
N LYS C 119 -10.98 11.42 -0.24
CA LYS C 119 -10.62 12.02 1.05
C LYS C 119 -9.71 13.25 0.92
N PHE C 120 -9.37 13.67 -0.32
CA PHE C 120 -8.53 14.84 -0.55
C PHE C 120 -9.09 15.70 -1.70
N GLN C 121 -10.29 16.22 -1.48
CA GLN C 121 -10.95 17.16 -2.39
C GLN C 121 -10.48 18.59 -2.09
N GLY C 122 -10.50 19.44 -3.12
CA GLY C 122 -10.16 20.85 -2.97
C GLY C 122 -8.67 21.12 -2.77
N VAL C 123 -7.82 20.35 -3.44
CA VAL C 123 -6.37 20.53 -3.38
C VAL C 123 -5.92 21.14 -4.71
N ARG C 124 -5.82 22.46 -4.72
CA ARG C 124 -5.46 23.24 -5.91
C ARG C 124 -4.11 23.91 -5.73
N LEU C 125 -3.57 24.45 -6.82
CA LEU C 125 -2.25 25.07 -6.84
C LEU C 125 -2.35 26.58 -6.62
N LEU C 126 -1.44 27.14 -5.83
CA LEU C 126 -1.39 28.58 -5.58
C LEU C 126 -0.65 29.31 -6.70
N ARG C 127 -0.90 30.61 -6.79
CA ARG C 127 -0.19 31.50 -7.73
C ARG C 127 0.70 32.42 -6.90
N GLN C 128 1.90 31.94 -6.62
CA GLN C 128 2.84 32.62 -5.72
C GLN C 128 3.64 33.70 -6.43
N ASP C 129 4.27 34.56 -5.64
CA ASP C 129 5.21 35.56 -6.15
C ASP C 129 6.49 34.83 -6.59
N PRO C 130 6.94 35.07 -7.85
CA PRO C 130 8.18 34.46 -8.37
C PRO C 130 9.42 34.65 -7.49
N THR C 131 9.65 35.87 -6.98
CA THR C 131 10.80 36.16 -6.13
C THR C 131 10.70 35.41 -4.78
N GLU C 132 9.50 35.41 -4.19
CA GLU C 132 9.24 34.65 -2.95
C GLU C 132 9.46 33.16 -3.17
N CYS C 133 8.86 32.64 -4.23
CA CYS C 133 8.94 31.21 -4.57
C CYS C 133 10.37 30.74 -4.84
N LEU C 134 11.13 31.53 -5.61
CA LEU C 134 12.50 31.17 -6.00
C LEU C 134 13.39 30.98 -4.78
N PHE C 135 13.49 32.00 -3.95
CA PHE C 135 14.40 31.98 -2.79
C PHE C 135 13.90 31.15 -1.61
N SER C 136 12.60 30.82 -1.61
CA SER C 136 12.06 29.83 -0.68
C SER C 136 12.61 28.44 -1.03
N PHE C 137 12.58 28.08 -2.31
CA PHE C 137 13.04 26.76 -2.78
C PHE C 137 14.56 26.63 -2.98
N ILE C 138 15.30 27.74 -2.99
CA ILE C 138 16.76 27.70 -3.21
C ILE C 138 17.56 27.62 -1.89
N CYS C 139 17.01 28.19 -0.81
CA CYS C 139 17.72 28.28 0.47
C CYS C 139 17.89 26.93 1.18
N SER C 140 16.93 26.02 0.99
CA SER C 140 17.01 24.66 1.55
C SER C 140 16.64 23.61 0.49
N SER C 141 15.37 23.18 0.45
CA SER C 141 14.88 22.09 -0.41
C SER C 141 15.71 20.79 -0.33
N ASN C 142 16.31 20.55 0.84
CA ASN C 142 17.23 19.43 1.04
C ASN C 142 16.52 18.18 1.53
N ASN C 143 15.41 18.34 2.25
CA ASN C 143 14.73 17.20 2.92
C ASN C 143 13.20 17.38 3.03
N ASN C 144 12.72 18.02 4.08
CA ASN C 144 11.29 18.04 4.43
C ASN C 144 10.76 19.47 4.62
N ILE C 145 9.45 19.58 4.87
CA ILE C 145 8.75 20.88 4.96
C ILE C 145 9.17 21.69 6.19
N ALA C 146 9.34 21.02 7.34
CA ALA C 146 9.70 21.69 8.60
C ALA C 146 10.96 22.56 8.50
N ARG C 147 11.97 22.07 7.80
CA ARG C 147 13.24 22.79 7.63
C ARG C 147 13.08 24.02 6.73
N ILE C 148 12.26 23.88 5.68
CA ILE C 148 12.02 24.97 4.73
C ILE C 148 11.20 26.07 5.41
N THR C 149 10.14 25.68 6.12
CA THR C 149 9.29 26.60 6.88
C THR C 149 10.08 27.39 7.92
N GLY C 150 11.02 26.72 8.58
CA GLY C 150 11.93 27.38 9.53
C GLY C 150 12.88 28.33 8.82
N MET C 151 13.61 27.80 7.83
CA MET C 151 14.61 28.57 7.07
C MET C 151 14.02 29.81 6.39
N VAL C 152 12.83 29.67 5.82
CA VAL C 152 12.11 30.79 5.19
C VAL C 152 11.75 31.87 6.23
N GLU C 153 11.33 31.45 7.42
CA GLU C 153 10.98 32.39 8.49
C GLU C 153 12.20 33.13 9.07
N ARG C 154 13.30 32.41 9.26
CA ARG C 154 14.55 33.02 9.78
C ARG C 154 15.15 33.98 8.76
N LEU C 155 15.05 33.62 7.48
CA LEU C 155 15.46 34.50 6.37
C LEU C 155 14.59 35.76 6.30
N CYS C 156 13.28 35.59 6.41
CA CYS C 156 12.34 36.72 6.39
C CYS C 156 12.48 37.63 7.61
N GLN C 157 12.72 37.04 8.79
CA GLN C 157 12.95 37.81 10.02
C GLN C 157 14.19 38.70 9.97
N ALA C 158 15.28 38.16 9.43
CA ALA C 158 16.55 38.88 9.36
C ALA C 158 16.57 39.94 8.27
N PHE C 159 16.22 39.53 7.04
CA PHE C 159 16.36 40.39 5.85
C PHE C 159 15.10 41.17 5.43
N GLY C 160 13.92 40.69 5.82
CA GLY C 160 12.65 41.34 5.45
C GLY C 160 12.18 42.39 6.45
N PRO C 161 11.24 43.26 6.01
CA PRO C 161 10.72 44.32 6.88
C PRO C 161 9.65 43.83 7.86
N ARG C 162 9.64 44.41 9.07
CA ARG C 162 8.61 44.11 10.08
C ARG C 162 7.29 44.74 9.65
N LEU C 163 6.21 43.94 9.71
CA LEU C 163 4.88 44.37 9.27
C LEU C 163 3.96 44.63 10.46
N ILE C 164 3.78 43.62 11.30
CA ILE C 164 2.83 43.68 12.43
C ILE C 164 3.11 42.56 13.43
N GLN C 165 2.66 42.75 14.68
CA GLN C 165 2.69 41.69 15.68
C GLN C 165 1.27 41.29 16.07
N LEU C 166 0.93 40.02 15.85
CA LEU C 166 -0.34 39.43 16.28
C LEU C 166 -0.02 38.34 17.29
N ASP C 167 -0.57 38.46 18.50
CA ASP C 167 -0.23 37.59 19.64
C ASP C 167 1.30 37.58 19.90
N ASP C 168 1.96 36.43 19.75
CA ASP C 168 3.39 36.32 20.04
C ASP C 168 4.17 35.96 18.77
N VAL C 169 3.70 36.51 17.64
CA VAL C 169 4.25 36.20 16.31
C VAL C 169 4.52 37.51 15.58
N THR C 170 5.79 37.77 15.27
CA THR C 170 6.21 38.98 14.58
C THR C 170 6.31 38.69 13.08
N TYR C 171 5.31 39.12 12.32
CA TYR C 171 5.24 38.83 10.89
C TYR C 171 6.15 39.76 10.08
N HIS C 172 7.25 39.21 9.57
CA HIS C 172 8.12 39.91 8.64
C HIS C 172 7.78 39.52 7.20
N GLY C 173 7.85 40.49 6.29
CA GLY C 173 7.60 40.24 4.87
C GLY C 173 8.77 39.53 4.19
N PHE C 174 8.61 39.21 2.91
CA PHE C 174 9.69 38.60 2.14
C PHE C 174 10.64 39.69 1.65
N PRO C 175 11.97 39.48 1.80
CA PRO C 175 12.91 40.55 1.43
C PRO C 175 13.00 40.83 -0.07
N ASN C 176 13.32 42.07 -0.40
CA ASN C 176 13.62 42.47 -1.78
C ASN C 176 14.98 41.90 -2.21
N LEU C 177 15.22 41.96 -3.53
CA LEU C 177 16.47 41.44 -4.11
C LEU C 177 17.70 42.22 -3.63
N HIS C 178 17.53 43.52 -3.40
CA HIS C 178 18.61 44.39 -2.93
C HIS C 178 19.18 43.97 -1.56
N ALA C 179 18.29 43.56 -0.65
CA ALA C 179 18.70 43.09 0.68
C ALA C 179 19.47 41.78 0.62
N LEU C 180 19.03 40.87 -0.23
CA LEU C 180 19.70 39.57 -0.40
C LEU C 180 21.02 39.67 -1.16
N ALA C 181 21.18 40.71 -1.99
CA ALA C 181 22.39 40.92 -2.78
C ALA C 181 23.35 41.95 -2.17
N GLY C 182 23.38 42.04 -0.83
CA GLY C 182 24.27 42.98 -0.14
C GLY C 182 25.71 42.48 -0.10
N PRO C 183 26.66 43.34 0.33
CA PRO C 183 28.06 42.95 0.41
C PRO C 183 28.36 41.93 1.53
N GLU C 184 27.68 42.07 2.66
CA GLU C 184 27.84 41.16 3.80
C GLU C 184 26.60 40.28 4.03
N ALA C 185 25.87 39.97 2.95
CA ALA C 185 24.66 39.15 3.03
C ALA C 185 24.99 37.68 3.25
N GLU C 186 26.05 37.19 2.60
CA GLU C 186 26.51 35.80 2.76
C GLU C 186 26.91 35.47 4.19
N THR C 187 27.62 36.40 4.83
CA THR C 187 28.09 36.22 6.21
C THR C 187 26.93 36.15 7.21
N HIS C 188 25.91 36.99 7.00
CA HIS C 188 24.72 37.00 7.85
C HIS C 188 23.83 35.77 7.57
N LEU C 189 23.71 35.40 6.29
CA LEU C 189 22.99 34.19 5.88
C LEU C 189 23.63 32.88 6.37
N ARG C 190 24.96 32.84 6.38
CA ARG C 190 25.71 31.68 6.90
C ARG C 190 25.46 31.42 8.39
N LYS C 191 25.19 32.48 9.15
CA LYS C 191 24.84 32.38 10.57
C LYS C 191 23.47 31.71 10.82
N LEU C 192 22.58 31.74 9.83
CA LEU C 192 21.25 31.13 9.94
C LEU C 192 21.18 29.66 9.50
N GLY C 193 22.34 29.02 9.31
CA GLY C 193 22.39 27.59 9.01
C GLY C 193 22.05 27.21 7.58
N LEU C 194 22.48 28.04 6.63
CA LEU C 194 22.30 27.76 5.19
C LEU C 194 23.49 27.02 4.58
N GLY C 195 24.68 27.23 5.14
CA GLY C 195 25.89 26.52 4.70
C GLY C 195 26.41 27.07 3.39
N TYR C 196 26.57 26.19 2.40
CA TYR C 196 27.06 26.56 1.07
C TYR C 196 25.98 27.17 0.16
N ARG C 197 24.70 27.07 0.55
CA ARG C 197 23.60 27.66 -0.21
C ARG C 197 23.40 29.17 0.01
N ALA C 198 24.05 29.73 1.03
CA ALA C 198 24.00 31.17 1.30
C ALA C 198 24.62 32.01 0.17
N ARG C 199 25.75 31.55 -0.36
CA ARG C 199 26.40 32.23 -1.49
C ARG C 199 25.65 32.05 -2.82
N TYR C 200 24.83 31.01 -2.93
CA TYR C 200 23.90 30.87 -4.06
C TYR C 200 22.69 31.81 -3.94
N VAL C 201 22.22 32.05 -2.72
CA VAL C 201 21.14 33.02 -2.45
C VAL C 201 21.60 34.45 -2.79
N ARG C 202 22.84 34.77 -2.43
CA ARG C 202 23.42 36.08 -2.76
C ARG C 202 23.69 36.22 -4.27
N ALA C 203 24.28 35.19 -4.88
CA ALA C 203 24.65 35.22 -6.30
C ALA C 203 23.44 35.28 -7.23
N SER C 204 22.36 34.58 -6.87
CA SER C 204 21.11 34.64 -7.64
C SER C 204 20.38 35.98 -7.45
N ALA C 205 20.40 36.50 -6.23
CA ALA C 205 19.82 37.82 -5.93
C ALA C 205 20.58 38.95 -6.63
N LYS C 206 21.91 38.85 -6.60
CA LYS C 206 22.78 39.83 -7.28
C LYS C 206 22.67 39.76 -8.79
N ALA C 207 22.52 38.55 -9.34
CA ALA C 207 22.37 38.35 -10.79
C ALA C 207 21.09 38.96 -11.34
N ILE C 208 19.96 38.68 -10.69
CA ILE C 208 18.65 39.15 -11.15
C ILE C 208 18.56 40.69 -11.10
N LEU C 209 19.10 41.28 -10.04
CA LEU C 209 19.06 42.74 -9.86
C LEU C 209 19.99 43.45 -10.86
N GLU C 210 21.25 43.01 -10.90
CA GLU C 210 22.30 43.68 -11.69
C GLU C 210 22.33 43.23 -13.15
N GLU C 211 22.45 41.92 -13.38
CA GLU C 211 22.73 41.37 -14.71
C GLU C 211 21.49 41.19 -15.58
N GLN C 212 20.50 40.47 -15.06
CA GLN C 212 19.34 40.03 -15.86
C GLN C 212 18.39 41.18 -16.19
N GLY C 213 18.12 42.03 -15.19
CA GLY C 213 17.36 43.28 -15.39
C GLY C 213 16.25 43.49 -14.38
N GLY C 214 16.61 43.54 -13.10
CA GLY C 214 15.66 43.78 -12.01
C GLY C 214 14.69 42.62 -11.74
N PRO C 215 13.73 42.84 -10.81
CA PRO C 215 12.72 41.82 -10.50
C PRO C 215 11.64 41.61 -11.57
N ALA C 216 11.53 42.54 -12.53
CA ALA C 216 10.62 42.39 -13.68
C ALA C 216 11.02 41.31 -14.68
N TRP C 217 12.27 40.82 -14.61
CA TRP C 217 12.72 39.69 -15.44
C TRP C 217 11.93 38.41 -15.15
N LEU C 218 11.61 38.16 -13.89
CA LEU C 218 10.76 37.03 -13.50
C LEU C 218 9.32 37.13 -14.05
N GLN C 219 8.80 38.35 -14.16
CA GLN C 219 7.48 38.58 -14.77
C GLN C 219 7.44 38.31 -16.28
N GLN C 220 8.57 38.46 -16.97
CA GLN C 220 8.68 38.09 -18.39
C GLN C 220 8.60 36.57 -18.60
N LEU C 221 9.02 35.80 -17.60
CA LEU C 221 8.94 34.34 -17.65
C LEU C 221 7.51 33.80 -17.47
N ARG C 222 6.61 34.60 -16.88
CA ARG C 222 5.17 34.27 -16.88
C ARG C 222 4.63 34.19 -18.30
N VAL C 223 4.93 35.22 -19.11
CA VAL C 223 4.48 35.32 -20.49
C VAL C 223 5.19 34.33 -21.42
N ALA C 224 6.47 34.07 -21.16
CA ALA C 224 7.27 33.15 -21.98
C ALA C 224 6.77 31.70 -21.86
N PRO C 225 7.03 30.86 -22.89
CA PRO C 225 6.59 29.46 -22.82
C PRO C 225 7.37 28.63 -21.79
N TYR C 226 6.78 27.51 -21.37
CA TYR C 226 7.32 26.64 -20.31
C TYR C 226 8.78 26.22 -20.54
N GLU C 227 9.11 25.85 -21.78
CA GLU C 227 10.46 25.39 -22.14
C GLU C 227 11.54 26.46 -21.97
N GLU C 228 11.24 27.70 -22.37
CA GLU C 228 12.20 28.81 -22.30
C GLU C 228 12.45 29.28 -20.87
N ALA C 229 11.39 29.37 -20.07
CA ALA C 229 11.49 29.81 -18.67
C ALA C 229 12.28 28.84 -17.80
N HIS C 230 12.08 27.55 -18.02
CA HIS C 230 12.81 26.49 -17.30
C HIS C 230 14.31 26.53 -17.61
N LYS C 231 14.66 26.85 -18.85
CA LYS C 231 16.06 27.03 -19.27
C LYS C 231 16.68 28.26 -18.60
N ALA C 232 15.92 29.36 -18.57
CA ALA C 232 16.38 30.61 -17.99
C ALA C 232 16.61 30.55 -16.47
N LEU C 233 15.77 29.78 -15.77
CA LEU C 233 15.91 29.58 -14.32
C LEU C 233 17.16 28.77 -13.97
N CYS C 234 17.47 27.76 -14.78
CA CYS C 234 18.67 26.91 -14.58
C CYS C 234 20.00 27.63 -14.81
N THR C 235 19.97 28.79 -15.46
CA THR C 235 21.13 29.69 -15.52
C THR C 235 21.58 30.17 -14.13
N LEU C 236 20.61 30.36 -13.23
CA LEU C 236 20.88 30.96 -11.92
C LEU C 236 21.66 30.00 -11.01
N PRO C 237 22.62 30.52 -10.19
CA PRO C 237 23.35 29.67 -9.25
C PRO C 237 22.47 29.04 -8.17
N GLY C 238 22.64 27.74 -7.94
CA GLY C 238 21.85 27.00 -6.95
C GLY C 238 20.49 26.50 -7.42
N VAL C 239 20.15 26.72 -8.69
CA VAL C 239 18.84 26.36 -9.26
C VAL C 239 19.02 25.22 -10.26
N GLY C 240 18.52 24.04 -9.90
CA GLY C 240 18.54 22.86 -10.77
C GLY C 240 17.20 22.63 -11.44
N ALA C 241 17.01 21.40 -11.92
CA ALA C 241 15.81 21.04 -12.69
C ALA C 241 14.54 20.97 -11.84
N LYS C 242 14.65 20.57 -10.58
CA LYS C 242 13.49 20.45 -9.68
C LYS C 242 12.95 21.82 -9.29
N VAL C 243 13.82 22.70 -8.81
CA VAL C 243 13.43 24.03 -8.33
C VAL C 243 12.87 24.89 -9.47
N ALA C 244 13.45 24.76 -10.67
CA ALA C 244 12.95 25.44 -11.87
C ALA C 244 11.51 25.02 -12.20
N ASP C 245 11.23 23.72 -12.11
CA ASP C 245 9.87 23.19 -12.29
C ASP C 245 8.91 23.64 -11.19
N CYS C 246 9.40 23.73 -9.94
CA CYS C 246 8.61 24.27 -8.82
C CYS C 246 8.21 25.72 -9.07
N ILE C 247 9.18 26.53 -9.50
CA ILE C 247 8.94 27.96 -9.78
C ILE C 247 8.05 28.13 -11.03
N CYS C 248 8.33 27.33 -12.06
CA CYS C 248 7.48 27.30 -13.28
C CYS C 248 6.02 27.02 -12.94
N LEU C 249 5.80 25.95 -12.18
CA LEU C 249 4.47 25.50 -11.82
C LEU C 249 3.75 26.48 -10.89
N MET C 250 4.40 26.78 -9.76
CA MET C 250 3.76 27.51 -8.66
C MET C 250 3.71 29.02 -8.84
N ALA C 251 4.73 29.59 -9.50
CA ALA C 251 4.84 31.04 -9.67
C ALA C 251 4.61 31.55 -11.11
N LEU C 252 5.20 30.88 -12.10
CA LEU C 252 5.22 31.39 -13.49
C LEU C 252 4.14 30.84 -14.43
N ASP C 253 3.05 30.30 -13.86
CA ASP C 253 1.86 29.86 -14.63
C ASP C 253 2.16 28.81 -15.71
N LYS C 254 2.84 27.74 -15.30
CA LYS C 254 3.11 26.59 -16.17
C LYS C 254 2.47 25.33 -15.52
N PRO C 255 1.15 25.14 -15.73
CA PRO C 255 0.47 24.01 -15.07
C PRO C 255 0.98 22.60 -15.49
N GLN C 256 1.50 22.49 -16.70
CA GLN C 256 2.07 21.23 -17.21
C GLN C 256 3.37 20.77 -16.53
N ALA C 257 4.08 21.69 -15.86
CA ALA C 257 5.36 21.37 -15.21
C ALA C 257 5.19 20.35 -14.08
N VAL C 258 6.10 19.38 -14.01
CA VAL C 258 6.08 18.30 -13.03
C VAL C 258 7.44 18.28 -12.33
N PRO C 259 7.54 18.91 -11.13
CA PRO C 259 8.83 18.88 -10.42
C PRO C 259 9.15 17.48 -9.88
N VAL C 260 10.14 16.83 -10.48
CA VAL C 260 10.52 15.47 -10.14
C VAL C 260 11.59 15.44 -9.04
N ASP C 261 11.27 14.74 -7.96
CA ASP C 261 12.19 14.50 -6.85
C ASP C 261 12.04 13.03 -6.39
N VAL C 262 12.68 12.66 -5.28
CA VAL C 262 12.52 11.30 -4.72
C VAL C 262 11.08 10.97 -4.28
N HIS C 263 10.29 11.99 -3.94
CA HIS C 263 8.90 11.80 -3.50
C HIS C 263 7.96 11.35 -4.61
N VAL C 264 8.03 12.01 -5.78
CA VAL C 264 7.22 11.61 -6.94
C VAL C 264 7.74 10.29 -7.55
N TRP C 265 9.06 10.08 -7.47
CA TRP C 265 9.69 8.85 -7.94
C TRP C 265 9.17 7.62 -7.18
N GLN C 266 8.97 7.80 -5.87
CA GLN C 266 8.37 6.76 -5.01
C GLN C 266 6.91 6.49 -5.39
N ILE C 267 6.15 7.56 -5.63
CA ILE C 267 4.73 7.48 -6.03
C ILE C 267 4.60 6.82 -7.41
N ALA C 268 5.35 7.34 -8.37
CA ALA C 268 5.37 6.80 -9.75
C ALA C 268 5.69 5.31 -9.80
N HIS C 269 6.64 4.89 -8.97
CA HIS C 269 7.05 3.50 -8.93
C HIS C 269 6.03 2.62 -8.22
N ARG C 270 5.66 3.01 -7.00
CA ARG C 270 4.77 2.20 -6.15
C ARG C 270 3.33 2.16 -6.66
N ASP C 271 2.78 3.33 -6.97
CA ASP C 271 1.35 3.45 -7.32
C ASP C 271 1.05 3.29 -8.82
N TYR C 272 2.04 3.53 -9.68
CA TYR C 272 1.85 3.43 -11.14
C TYR C 272 2.71 2.36 -11.84
N GLY C 273 3.63 1.72 -11.11
CA GLY C 273 4.51 0.70 -11.68
C GLY C 273 5.52 1.19 -12.68
N TRP C 274 5.87 2.48 -12.59
CA TRP C 274 6.68 3.15 -13.62
C TRP C 274 8.17 2.89 -13.43
N HIS C 275 8.89 2.75 -14.55
CA HIS C 275 10.35 2.76 -14.60
C HIS C 275 10.81 3.63 -15.76
N PRO C 276 12.12 4.00 -15.78
CA PRO C 276 12.69 4.61 -16.99
C PRO C 276 12.70 3.62 -18.15
N LYS C 277 11.80 3.82 -19.12
CA LYS C 277 11.73 2.96 -20.32
C LYS C 277 12.89 3.20 -21.30
N THR C 278 13.51 4.38 -21.22
CA THR C 278 14.77 4.66 -21.93
C THR C 278 15.85 3.65 -21.52
N SER C 279 15.83 3.27 -20.23
CA SER C 279 16.64 2.17 -19.70
C SER C 279 18.15 2.45 -19.76
N GLN C 280 18.53 3.69 -19.52
CA GLN C 280 19.93 4.06 -19.35
C GLN C 280 20.43 3.43 -18.05
N ALA C 281 19.72 3.72 -16.96
CA ALA C 281 19.93 3.09 -15.66
C ALA C 281 18.83 3.50 -14.70
N LYS C 282 18.26 2.53 -13.96
CA LYS C 282 17.23 2.81 -12.97
C LYS C 282 17.80 3.54 -11.75
N GLY C 283 16.94 4.32 -11.10
CA GLY C 283 17.33 5.27 -10.06
C GLY C 283 17.37 6.69 -10.63
N PRO C 284 17.09 7.72 -9.80
CA PRO C 284 17.09 9.12 -10.24
C PRO C 284 18.32 9.58 -11.03
N SER C 285 18.08 10.25 -12.16
CA SER C 285 19.14 10.84 -12.99
C SER C 285 18.54 11.98 -13.83
N PRO C 286 19.38 12.88 -14.39
CA PRO C 286 18.87 14.01 -15.17
C PRO C 286 17.89 13.64 -16.30
N LEU C 287 18.22 12.60 -17.07
CA LEU C 287 17.40 12.14 -18.20
C LEU C 287 16.14 11.42 -17.74
N ALA C 288 16.30 10.50 -16.80
CA ALA C 288 15.18 9.71 -16.27
C ALA C 288 14.12 10.56 -15.55
N ASN C 289 14.56 11.62 -14.87
CA ASN C 289 13.65 12.58 -14.23
C ASN C 289 12.80 13.32 -15.25
N LYS C 290 13.40 13.73 -16.36
CA LYS C 290 12.67 14.39 -17.45
C LYS C 290 11.68 13.44 -18.14
N GLU C 291 12.04 12.16 -18.24
CA GLU C 291 11.15 11.13 -18.76
C GLU C 291 9.93 10.93 -17.86
N LEU C 292 10.14 11.00 -16.55
CA LEU C 292 9.06 10.88 -15.56
C LEU C 292 8.10 12.08 -15.62
N GLY C 293 8.63 13.27 -15.86
CA GLY C 293 7.82 14.47 -16.07
C GLY C 293 6.94 14.36 -17.31
N ASN C 294 7.51 13.84 -18.40
CA ASN C 294 6.78 13.60 -19.64
C ASN C 294 5.69 12.53 -19.48
N PHE C 295 5.95 11.51 -18.64
CA PHE C 295 4.97 10.46 -18.36
C PHE C 295 3.70 11.01 -17.70
N PHE C 296 3.89 11.80 -16.64
CA PHE C 296 2.76 12.42 -15.93
C PHE C 296 2.06 13.51 -16.73
N ARG C 297 2.78 14.18 -17.63
CA ARG C 297 2.16 15.10 -18.59
C ARG C 297 1.26 14.37 -19.58
N ASN C 298 1.76 13.29 -20.18
CA ASN C 298 0.99 12.51 -21.14
C ASN C 298 -0.16 11.72 -20.51
N LEU C 299 -0.06 11.42 -19.21
CA LEU C 299 -1.13 10.72 -18.47
C LEU C 299 -2.26 11.67 -18.06
N TRP C 300 -1.90 12.71 -17.31
CA TRP C 300 -2.88 13.65 -16.74
C TRP C 300 -3.30 14.78 -17.68
N GLY C 301 -2.38 15.20 -18.56
CA GLY C 301 -2.67 16.24 -19.56
C GLY C 301 -2.04 17.58 -19.21
N PRO C 302 -2.65 18.69 -19.64
CA PRO C 302 -2.01 20.00 -19.54
C PRO C 302 -1.90 20.63 -18.14
N TYR C 303 -2.61 20.07 -17.15
CA TYR C 303 -2.52 20.52 -15.74
C TYR C 303 -1.91 19.42 -14.85
N ALA C 304 -0.82 18.81 -15.32
CA ALA C 304 -0.21 17.66 -14.62
C ALA C 304 0.32 18.00 -13.23
N GLY C 305 0.98 19.15 -13.11
CA GLY C 305 1.50 19.65 -11.83
C GLY C 305 0.47 19.85 -10.73
N TRP C 306 -0.76 20.20 -11.12
CA TRP C 306 -1.86 20.36 -10.17
C TRP C 306 -2.28 19.00 -9.60
N ALA C 307 -2.34 17.98 -10.46
CA ALA C 307 -2.63 16.61 -10.03
C ALA C 307 -1.54 16.04 -9.11
N GLN C 308 -0.28 16.40 -9.40
CA GLN C 308 0.85 16.04 -8.54
C GLN C 308 0.68 16.60 -7.12
N ALA C 309 0.19 17.84 -7.03
CA ALA C 309 -0.09 18.49 -5.74
C ALA C 309 -1.11 17.74 -4.90
N VAL C 310 -2.10 17.13 -5.56
CA VAL C 310 -3.13 16.33 -4.87
C VAL C 310 -2.53 15.07 -4.24
N LEU C 311 -1.66 14.39 -5.00
CA LEU C 311 -0.98 13.18 -4.52
C LEU C 311 0.06 13.49 -3.44
N PHE C 312 0.76 14.62 -3.59
CA PHE C 312 1.67 15.15 -2.55
C PHE C 312 0.93 15.42 -1.24
N SER C 313 -0.24 16.06 -1.34
CA SER C 313 -1.09 16.33 -0.18
C SER C 313 -1.59 15.06 0.51
N ALA C 314 -1.86 14.02 -0.27
CA ALA C 314 -2.24 12.70 0.25
C ALA C 314 -1.08 11.99 0.96
N ASP C 315 0.13 12.14 0.42
CA ASP C 315 1.33 11.51 1.00
C ASP C 315 1.73 12.14 2.35
N LEU C 316 1.44 13.43 2.53
CA LEU C 316 1.69 14.11 3.81
C LEU C 316 0.69 13.72 4.90
N ARG C 317 -0.54 13.39 4.51
CA ARG C 317 -1.62 13.03 5.45
C ARG C 317 -2.14 11.63 5.14
C10 IFT D . -12.77 -4.82 -11.46
C13 IFT D . -13.13 -6.07 -14.26
C20 IFT D . -10.77 -11.78 -13.23
C21 IFT D . -11.41 -12.23 -11.91
C22 IFT D . -11.89 -11.08 -11.00
C24 IFT D . -12.06 -9.59 -13.08
C26 IFT D . -11.49 -2.46 -12.14
C01 IFT D . -9.02 0.39 -8.18
C02 IFT D . -9.38 -0.94 -8.82
N03 IFT D . -10.37 -1.15 -9.67
C04 IFT D . -10.38 -2.43 -10.01
C05 IFT D . -9.32 -3.03 -9.33
C06 IFT D . -8.91 -4.50 -9.38
N07 IFT D . -8.75 -2.09 -8.61
C08 IFT D . -11.27 -3.04 -10.89
C09 IFT D . -11.90 -4.23 -10.56
C11 IFT D . -13.02 -4.24 -12.70
C12 IFT D . -13.96 -4.93 -13.70
O14 IFT D . -12.54 -5.91 -15.28
N15 IFT D . -13.05 -7.30 -13.49
C16 IFT D . -12.25 -8.44 -13.87
N17 IFT D . -11.50 -8.57 -14.94
O18 IFT D . -10.86 -9.76 -14.91
C19 IFT D . -11.20 -10.41 -13.76
C23 IFT D . -12.67 -9.96 -11.72
C25 IFT D . -12.38 -3.06 -13.05
C10 IFT E . 9.00 -15.88 8.51
C13 IFT E . 12.00 -15.35 9.91
C20 IFT E . 15.63 -10.35 10.85
C21 IFT E . 15.21 -9.90 12.24
C22 IFT E . 13.69 -10.03 12.44
C24 IFT E . 13.87 -12.15 11.00
C26 IFT E . 8.14 -13.41 9.49
C01 IFT E . 3.18 -13.08 6.32
C02 IFT E . 4.61 -12.87 6.82
N03 IFT E . 5.33 -13.79 7.42
C04 IFT E . 6.51 -13.27 7.72
C05 IFT E . 6.50 -11.95 7.28
C06 IFT E . 7.63 -10.93 7.40
N07 IFT E . 5.31 -11.75 6.73
C08 IFT E . 7.54 -13.96 8.36
C09 IFT E . 7.97 -15.19 7.88
C11 IFT E . 9.59 -15.34 9.65
C12 IFT E . 10.73 -16.08 10.34
O14 IFT E . 12.58 -15.71 8.95
N15 IFT E . 12.40 -14.19 10.68
C16 IFT E . 13.55 -13.37 10.35
N17 IFT E . 14.43 -13.55 9.38
O18 IFT E . 15.32 -12.53 9.39
C19 IFT E . 14.98 -11.66 10.40
C23 IFT E . 13.17 -11.46 12.19
C25 IFT E . 9.17 -14.10 10.13
NI NI F . 9.65 -2.02 -9.79
C10 IFT G . 8.90 18.35 0.41
C13 IFT G . 8.24 20.43 -2.21
C20 IFT G . 4.45 20.19 -7.17
C21 IFT G . 3.07 20.01 -6.51
C22 IFT G . 2.91 20.85 -5.24
C24 IFT G . 5.44 20.40 -4.86
C26 IFT G . 6.27 17.44 0.25
C01 IFT G . 6.89 12.78 3.83
C02 IFT G . 6.75 13.67 2.60
N03 IFT G . 7.23 14.90 2.49
C04 IFT G . 6.92 15.37 1.30
C05 IFT G . 6.22 14.37 0.64
C06 IFT G . 5.64 14.42 -0.78
N07 IFT G . 6.14 13.35 1.47
C08 IFT G . 7.24 16.63 0.82
C09 IFT G . 8.56 17.09 0.89
C11 IFT G . 7.92 19.17 -0.15
C12 IFT G . 8.28 20.55 -0.70
O14 IFT G . 9.23 20.21 -2.81
N15 IFT G . 6.94 20.54 -2.85
C16 IFT G . 6.72 20.38 -4.27
N17 IFT G . 7.61 20.15 -5.21
O18 IFT G . 6.98 20.05 -6.40
C19 IFT G . 5.62 20.20 -6.19
C23 IFT G . 4.05 20.63 -4.22
C25 IFT G . 6.61 18.71 -0.23
#